data_6WDY
#
_entry.id   6WDY
#
_cell.length_a   80.670
_cell.length_b   80.670
_cell.length_c   243.980
_cell.angle_alpha   90.000
_cell.angle_beta   90.000
_cell.angle_gamma   120.000
#
_symmetry.space_group_name_H-M   'P 31 2 1'
#
loop_
_entity.id
_entity.type
_entity.pdbx_description
1 polymer 'Polyamine deacetylase HDAC10'
2 non-polymer N-hydroxy-4-[(1H-indol-1-yl)methyl]benzamide
3 non-polymer 1,2-ETHANEDIOL
4 non-polymer 'ZINC ION'
5 non-polymer 'PHOSPHATE ION'
6 non-polymer 'POTASSIUM ION'
7 water water
#
_entity_poly.entity_id   1
_entity_poly.type   'polypeptide(L)'
_entity_poly.pdbx_seq_one_letter_code
;AASGSALIFDEEMSRYKLLWTDPECEIEVPERLTVSYEALRTHGLAQRCKAVPVRQATEQEILLAHSEEYLEAVKQTPGM
NVEELMAFSKKYNAVYFHQNIYHCAKLAAGATLQLVDSVMKREVRNGMALVRPPGHHSQRSAANGFCVFNNVAFAALYAK
KNYNLNRILIVDWDVHHGQGIQYCFEEDPSVLYFSWHRYEHQSFWPNLPESDYSSVGKGKGSGFNINLPWNKVGMTNSDY
LAAFFHVLLPVAYEFDPELVIVSAGFDSAIGDPEGEMCALPEIFAHLTHLLMPLAAGKMCVVLEGGYNLTSLGQSVCQTV
HSLLGDPTPRISGLGTACDSALESIQNVRNVQSSYWSSFKHLAQSETNPKRPRLDATNGGPKESSEPASESNPKKTAQDI
VWPEPLKRMPASVRTVVVPPPGVELTLPKNCQHSGDISESTAKEVQRIRDKHFHDLTDQNILRSLGNIISVLDRMMRSDE
VCNGCVVVSDLSVSVQCALQHALTEPAERVLVVYVGDGELPVKTNDGKVFLVQICTKETEDKCVNRLTLCLREGESLTAG
FMQALLGLILPVAYEFNPALVLGIVEETAAKTRLMRVWGHMTCLIQGLARGRMLTLLQGYDKDLLELTVSALSGASISPL
GPLRAPKPEDVEMMEKQRQRLQERWGLLRCTVSESW
;
_entity_poly.pdbx_strand_id   A
#
loop_
_chem_comp.id
_chem_comp.type
_chem_comp.name
_chem_comp.formula
EDO non-polymer 1,2-ETHANEDIOL 'C2 H6 O2'
K non-polymer 'POTASSIUM ION' 'K 1'
PO4 non-polymer 'PHOSPHATE ION' 'O4 P -3'
TWP non-polymer N-hydroxy-4-[(1H-indol-1-yl)methyl]benzamide 'C16 H14 N2 O2'
ZN non-polymer 'ZINC ION' 'Zn 2'
#
# COMPACT_ATOMS: atom_id res chain seq x y z
N ALA A 1 -17.61 7.28 9.38
CA ALA A 1 -17.65 8.73 9.33
C ALA A 1 -16.32 9.35 9.76
N ALA A 2 -15.24 8.57 9.72
CA ALA A 2 -13.93 9.08 10.12
C ALA A 2 -13.24 9.78 8.97
N SER A 3 -12.41 10.76 9.29
CA SER A 3 -11.88 11.61 8.23
C SER A 3 -10.71 12.41 8.77
N GLY A 4 -9.74 12.66 7.90
CA GLY A 4 -8.52 13.34 8.27
C GLY A 4 -7.40 12.39 8.65
N SER A 5 -6.23 12.98 8.86
CA SER A 5 -5.02 12.22 9.14
C SER A 5 -4.26 12.94 10.24
N ALA A 6 -4.01 12.25 11.33
CA ALA A 6 -3.25 12.86 12.41
C ALA A 6 -1.76 12.91 12.05
N LEU A 7 -1.11 14.00 12.42
CA LEU A 7 0.34 14.10 12.33
C LEU A 7 0.83 14.43 13.73
N ILE A 8 1.27 13.41 14.45
CA ILE A 8 1.78 13.60 15.80
C ILE A 8 3.26 13.91 15.72
N PHE A 9 3.67 15.01 16.33
CA PHE A 9 5.05 15.45 16.27
C PHE A 9 5.26 16.50 17.36
N ASP A 10 6.50 16.55 17.86
CA ASP A 10 6.89 17.54 18.85
C ASP A 10 8.41 17.74 18.81
N GLU A 11 8.85 19.01 18.86
CA GLU A 11 10.26 19.30 18.66
C GLU A 11 11.12 18.86 19.83
N GLU A 12 10.52 18.48 20.96
CA GLU A 12 11.32 18.03 22.10
C GLU A 12 12.12 16.78 21.77
N MET A 13 11.56 15.87 20.95
CA MET A 13 12.22 14.63 20.58
C MET A 13 13.48 14.83 19.73
N SER A 14 13.82 16.06 19.36
CA SER A 14 15.05 16.34 18.67
C SER A 14 16.10 16.93 19.60
N ARG A 15 15.86 16.88 20.91
CA ARG A 15 16.76 17.49 21.90
C ARG A 15 17.46 16.42 22.74
N TYR A 16 17.94 15.38 22.07
CA TYR A 16 18.89 14.42 22.58
C TYR A 16 19.78 14.05 21.41
N LYS A 17 21.03 13.70 21.69
CA LYS A 17 21.98 13.52 20.60
C LYS A 17 23.23 12.81 21.13
N LEU A 18 24.02 12.28 20.20
CA LEU A 18 25.22 11.57 20.56
C LEU A 18 26.30 12.53 21.08
N LEU A 19 26.88 12.22 22.24
CA LEU A 19 27.73 13.13 22.98
C LEU A 19 29.20 12.76 22.95
N TRP A 20 29.59 11.68 22.28
CA TRP A 20 30.99 11.31 22.19
C TRP A 20 31.25 10.83 20.76
N THR A 21 32.53 10.66 20.44
CA THR A 21 32.89 10.13 19.13
C THR A 21 32.50 8.65 19.04
N ASP A 22 31.72 8.31 18.02
CA ASP A 22 31.37 6.94 17.71
C ASP A 22 30.87 6.93 16.28
N PRO A 23 31.71 6.50 15.33
CA PRO A 23 31.35 6.62 13.91
C PRO A 23 30.12 5.82 13.52
N GLU A 24 29.85 4.72 14.21
CA GLU A 24 28.70 3.92 13.84
C GLU A 24 27.38 4.55 14.30
N CYS A 25 27.41 5.44 15.29
CA CYS A 25 26.22 6.10 15.81
C CYS A 25 26.02 7.50 15.25
N GLU A 26 27.05 8.06 14.60
CA GLU A 26 26.96 9.41 14.04
C GLU A 26 25.69 9.61 13.24
N ILE A 27 25.28 8.61 12.48
CA ILE A 27 24.20 8.79 11.52
C ILE A 27 22.87 9.17 12.15
N GLU A 28 22.65 8.82 13.44
CA GLU A 28 21.32 8.94 14.04
C GLU A 28 21.15 10.28 14.76
N VAL A 29 20.71 11.30 14.01
CA VAL A 29 20.81 12.70 14.41
C VAL A 29 19.44 13.33 14.69
N PRO A 30 19.36 14.33 15.58
CA PRO A 30 18.09 15.10 15.72
C PRO A 30 17.56 15.64 14.42
N GLU A 31 18.44 16.10 13.53
CA GLU A 31 18.00 16.72 12.29
C GLU A 31 17.10 15.81 11.46
N ARG A 32 17.09 14.50 11.73
CA ARG A 32 16.19 13.62 10.99
C ARG A 32 14.75 14.04 11.21
N LEU A 33 14.44 14.48 12.41
CA LEU A 33 13.08 14.87 12.75
C LEU A 33 12.75 16.24 12.16
N THR A 34 13.67 17.21 12.26
CA THR A 34 13.37 18.58 11.82
C THR A 34 13.29 18.65 10.31
N VAL A 35 14.19 17.95 9.59
CA VAL A 35 14.10 17.83 8.13
C VAL A 35 12.73 17.28 7.73
N SER A 36 12.19 16.34 8.50
CA SER A 36 10.96 15.67 8.09
C SER A 36 9.73 16.54 8.26
N TYR A 37 9.56 17.16 9.43
CA TYR A 37 8.44 18.08 9.60
C TYR A 37 8.54 19.22 8.60
N GLU A 38 9.74 19.79 8.44
CA GLU A 38 9.88 20.95 7.57
C GLU A 38 9.52 20.60 6.14
N ALA A 39 9.84 19.38 5.70
CA ALA A 39 9.48 18.98 4.36
C ALA A 39 7.97 18.92 4.21
N LEU A 40 7.30 18.35 5.22
CA LEU A 40 5.84 18.26 5.17
C LEU A 40 5.21 19.65 5.20
N ARG A 41 5.83 20.58 5.94
CA ARG A 41 5.37 21.97 5.97
C ARG A 41 5.55 22.64 4.61
N THR A 42 6.74 22.48 4.02
CA THR A 42 7.02 23.07 2.71
C THR A 42 5.99 22.64 1.66
N HIS A 43 5.54 21.40 1.69
CA HIS A 43 4.63 20.87 0.67
C HIS A 43 3.17 21.00 1.08
N GLY A 44 2.89 21.67 2.18
CA GLY A 44 1.52 21.89 2.59
C GLY A 44 0.82 20.71 3.20
N LEU A 45 1.54 19.62 3.48
CA LEU A 45 0.90 18.42 4.00
C LEU A 45 0.74 18.44 5.52
N ALA A 46 1.70 19.01 6.24
CA ALA A 46 1.53 19.16 7.69
C ALA A 46 0.31 20.02 8.03
N GLN A 47 0.06 21.06 7.23
CA GLN A 47 -1.09 21.94 7.43
C GLN A 47 -2.41 21.22 7.20
N ARG A 48 -2.43 20.16 6.41
CA ARG A 48 -3.65 19.40 6.15
C ARG A 48 -3.90 18.31 7.18
N CYS A 49 -3.07 18.21 8.22
CA CYS A 49 -3.15 17.10 9.16
C CYS A 49 -3.59 17.59 10.53
N LYS A 50 -4.54 16.89 11.14
CA LYS A 50 -4.86 17.19 12.53
C LYS A 50 -3.65 16.92 13.42
N ALA A 51 -3.06 17.97 14.04
CA ALA A 51 -1.87 17.81 14.88
C ALA A 51 -2.25 17.40 16.30
N VAL A 52 -2.38 16.10 16.51
CA VAL A 52 -2.63 15.57 17.85
C VAL A 52 -1.37 15.74 18.70
N PRO A 53 -1.49 16.13 19.95
CA PRO A 53 -0.29 16.40 20.74
C PRO A 53 0.30 15.12 21.30
N VAL A 54 1.60 15.19 21.52
CA VAL A 54 2.36 14.14 22.16
C VAL A 54 2.00 14.06 23.65
N ARG A 55 2.13 12.86 24.22
CA ARG A 55 2.08 12.67 25.67
C ARG A 55 3.14 11.67 26.05
N GLN A 56 3.42 11.59 27.35
CA GLN A 56 4.32 10.57 27.87
C GLN A 56 3.54 9.28 28.03
N ALA A 57 4.19 8.16 27.72
CA ALA A 57 3.63 6.88 28.11
C ALA A 57 3.81 6.69 29.61
N THR A 58 2.76 6.23 30.28
CA THR A 58 2.82 5.94 31.70
C THR A 58 3.75 4.76 31.96
N GLU A 59 4.17 4.63 33.22
CA GLU A 59 4.98 3.48 33.62
C GLU A 59 4.24 2.18 33.39
N GLN A 60 2.93 2.17 33.69
CA GLN A 60 2.12 0.97 33.44
C GLN A 60 2.08 0.63 31.95
N GLU A 61 2.16 1.62 31.07
CA GLU A 61 2.11 1.32 29.65
C GLU A 61 3.43 0.74 29.16
N ILE A 62 4.54 1.25 29.68
CA ILE A 62 5.86 0.78 29.30
C ILE A 62 6.05 -0.68 29.70
N LEU A 63 5.43 -1.10 30.80
CA LEU A 63 5.60 -2.46 31.28
C LEU A 63 4.83 -3.48 30.46
N LEU A 64 3.94 -3.02 29.56
CA LEU A 64 3.28 -3.93 28.64
C LEU A 64 4.28 -4.74 27.83
N ALA A 65 5.42 -4.12 27.48
CA ALA A 65 6.42 -4.78 26.67
C ALA A 65 7.80 -4.77 27.30
N HIS A 66 8.02 -4.05 28.39
CA HIS A 66 9.33 -4.02 28.99
C HIS A 66 9.26 -4.44 30.45
N SER A 67 10.43 -4.56 31.06
CA SER A 67 10.57 -5.22 32.35
C SER A 67 10.87 -4.21 33.42
N GLU A 68 10.32 -4.41 34.62
CA GLU A 68 10.61 -3.52 35.73
C GLU A 68 12.10 -3.21 35.80
N GLU A 69 12.94 -4.25 35.73
CA GLU A 69 14.37 -4.07 35.94
C GLU A 69 14.96 -3.14 34.90
N TYR A 70 14.65 -3.38 33.63
CA TYR A 70 15.26 -2.58 32.57
C TYR A 70 14.68 -1.17 32.54
N LEU A 71 13.37 -1.03 32.82
CA LEU A 71 12.82 0.30 32.96
C LEU A 71 13.50 1.08 34.08
N GLU A 72 13.70 0.44 35.25
CA GLU A 72 14.34 1.16 36.34
C GLU A 72 15.78 1.52 36.03
N ALA A 73 16.46 0.72 35.20
CA ALA A 73 17.82 1.08 34.83
C ALA A 73 17.83 2.31 33.95
N VAL A 74 16.87 2.39 33.02
CA VAL A 74 16.83 3.51 32.09
C VAL A 74 16.32 4.77 32.79
N LYS A 75 15.36 4.61 33.71
CA LYS A 75 14.89 5.74 34.51
C LYS A 75 16.02 6.42 35.24
N GLN A 76 17.16 5.73 35.47
CA GLN A 76 18.31 6.32 36.14
C GLN A 76 19.16 7.19 35.21
N THR A 77 18.97 7.10 33.89
CA THR A 77 19.91 7.75 32.98
C THR A 77 19.82 9.27 32.95
N PRO A 78 18.65 9.91 33.21
CA PRO A 78 18.63 11.39 33.27
C PRO A 78 19.51 11.99 34.36
N GLY A 79 19.87 11.21 35.38
CA GLY A 79 20.80 11.69 36.38
C GLY A 79 22.26 11.47 36.10
N MET A 80 22.63 11.09 34.88
CA MET A 80 23.98 10.63 34.58
C MET A 80 24.80 11.69 33.85
N ASN A 81 26.10 11.74 34.13
CA ASN A 81 26.99 12.57 33.33
C ASN A 81 27.45 11.78 32.10
N VAL A 82 28.38 12.35 31.34
CA VAL A 82 28.74 11.77 30.05
C VAL A 82 29.51 10.46 30.24
N GLU A 83 30.42 10.37 31.21
CA GLU A 83 31.12 9.12 31.46
C GLU A 83 30.13 8.02 31.80
N GLU A 84 29.23 8.30 32.75
CA GLU A 84 28.25 7.31 33.16
C GLU A 84 27.37 6.89 31.98
N LEU A 85 27.04 7.84 31.09
CA LEU A 85 26.17 7.56 29.96
C LEU A 85 26.88 6.68 28.94
N MET A 86 28.18 6.93 28.74
CA MET A 86 28.95 6.07 27.85
C MET A 86 28.98 4.64 28.39
N ALA A 87 29.10 4.50 29.70
CA ALA A 87 29.16 3.16 30.31
C ALA A 87 27.86 2.42 30.15
N PHE A 88 26.74 3.10 30.46
CA PHE A 88 25.43 2.49 30.28
C PHE A 88 25.21 2.09 28.83
N SER A 89 25.60 2.97 27.90
CA SER A 89 25.45 2.66 26.48
C SER A 89 26.21 1.39 26.11
N LYS A 90 27.45 1.25 26.61
CA LYS A 90 28.27 0.11 26.23
C LYS A 90 27.72 -1.22 26.74
N LYS A 91 26.83 -1.24 27.73
CA LYS A 91 26.16 -2.49 28.11
C LYS A 91 25.21 -2.99 27.02
N TYR A 92 25.00 -2.21 25.96
CA TYR A 92 24.03 -2.51 24.93
C TYR A 92 24.73 -2.36 23.59
N ASN A 93 24.03 -2.78 22.53
CA ASN A 93 24.60 -2.85 21.20
C ASN A 93 23.99 -1.77 20.29
N ALA A 94 24.86 -0.96 19.68
CA ALA A 94 24.47 0.05 18.70
C ALA A 94 23.44 1.03 19.25
N VAL A 95 23.74 1.65 20.38
CA VAL A 95 22.80 2.61 20.96
C VAL A 95 23.57 3.52 21.91
N TYR A 96 23.24 4.80 21.85
CA TYR A 96 23.79 5.78 22.79
C TYR A 96 22.68 6.34 23.63
N PHE A 97 23.03 6.75 24.84
CA PHE A 97 22.12 7.39 25.75
C PHE A 97 22.52 8.85 25.96
N HIS A 98 21.53 9.67 26.30
CA HIS A 98 21.67 11.10 26.50
C HIS A 98 20.88 11.43 27.75
N GLN A 99 21.22 12.55 28.42
CA GLN A 99 20.47 12.92 29.62
C GLN A 99 18.97 13.03 29.34
N ASN A 100 18.58 13.41 28.13
CA ASN A 100 17.20 13.67 27.76
C ASN A 100 16.52 12.48 27.06
N ILE A 101 17.19 11.33 26.90
CA ILE A 101 16.65 10.34 25.95
C ILE A 101 15.54 9.52 26.60
N TYR A 102 15.67 9.19 27.89
CA TYR A 102 14.54 8.57 28.58
C TYR A 102 13.30 9.46 28.46
N HIS A 103 13.47 10.78 28.60
CA HIS A 103 12.37 11.71 28.41
C HIS A 103 11.75 11.54 27.02
N CYS A 104 12.56 11.68 25.96
CA CYS A 104 12.01 11.56 24.61
C CYS A 104 11.44 10.16 24.31
N ALA A 105 12.12 9.10 24.74
CA ALA A 105 11.60 7.75 24.52
C ALA A 105 10.19 7.59 25.08
N LYS A 106 9.95 8.14 26.28
CA LYS A 106 8.59 8.17 26.83
C LYS A 106 7.65 8.96 25.92
N LEU A 107 8.14 10.06 25.33
CA LEU A 107 7.35 10.82 24.36
C LEU A 107 7.14 10.03 23.06
N ALA A 108 8.22 9.45 22.51
CA ALA A 108 8.06 8.61 21.31
C ALA A 108 7.06 7.51 21.53
N ALA A 109 7.07 6.90 22.71
CA ALA A 109 6.08 5.89 23.04
C ALA A 109 4.69 6.51 23.16
N GLY A 110 4.56 7.55 23.99
CA GLY A 110 3.27 8.19 24.18
C GLY A 110 2.68 8.71 22.88
N ALA A 111 3.53 9.30 22.03
CA ALA A 111 3.08 9.75 20.72
C ALA A 111 2.45 8.60 19.93
N THR A 112 3.10 7.43 19.91
CA THR A 112 2.53 6.27 19.22
C THR A 112 1.15 5.90 19.78
N LEU A 113 1.00 5.88 21.12
CA LEU A 113 -0.31 5.58 21.70
C LEU A 113 -1.34 6.68 21.38
N GLN A 114 -0.91 7.96 21.39
CA GLN A 114 -1.82 9.01 20.93
C GLN A 114 -2.34 8.71 19.53
N LEU A 115 -1.46 8.24 18.65
CA LEU A 115 -1.88 7.90 17.30
C LEU A 115 -2.86 6.74 17.31
N VAL A 116 -2.63 5.76 18.18
CA VAL A 116 -3.53 4.61 18.23
C VAL A 116 -4.92 5.02 18.71
N ASP A 117 -4.99 5.86 19.74
CA ASP A 117 -6.29 6.30 20.27
C ASP A 117 -7.06 7.12 19.24
N SER A 118 -6.37 8.04 18.56
CA SER A 118 -7.04 8.86 17.55
C SER A 118 -7.63 8.01 16.45
N VAL A 119 -6.87 7.06 15.95
CA VAL A 119 -7.37 6.20 14.87
C VAL A 119 -8.49 5.29 15.36
N MET A 120 -8.34 4.69 16.54
CA MET A 120 -9.35 3.73 16.99
C MET A 120 -10.61 4.38 17.53
N LYS A 121 -10.57 5.69 17.87
CA LYS A 121 -11.75 6.44 18.31
C LYS A 121 -12.49 7.10 17.14
N ARG A 122 -12.01 6.93 15.91
CA ARG A 122 -12.52 7.50 14.66
C ARG A 122 -12.30 9.01 14.56
N GLU A 123 -11.48 9.61 15.42
CA GLU A 123 -11.22 11.04 15.31
C GLU A 123 -10.42 11.40 14.06
N VAL A 124 -9.74 10.41 13.47
CA VAL A 124 -9.05 10.55 12.19
C VAL A 124 -9.16 9.20 11.49
N ARG A 125 -8.98 9.19 10.17
CA ARG A 125 -9.00 7.91 9.48
C ARG A 125 -7.67 7.17 9.62
N ASN A 126 -6.56 7.92 9.69
CA ASN A 126 -5.23 7.34 9.82
C ASN A 126 -4.30 8.42 10.35
N GLY A 127 -3.01 8.09 10.44
CA GLY A 127 -2.07 9.08 10.92
C GLY A 127 -0.64 8.61 10.85
N MET A 128 0.26 9.53 11.17
CA MET A 128 1.67 9.23 11.20
C MET A 128 2.30 9.98 12.35
N ALA A 129 3.18 9.29 13.10
CA ALA A 129 3.91 9.88 14.22
C ALA A 129 5.38 10.04 13.83
N LEU A 130 5.90 11.27 13.96
CA LEU A 130 7.33 11.54 13.70
C LEU A 130 8.07 11.49 15.03
N VAL A 131 8.63 10.33 15.36
CA VAL A 131 9.22 10.11 16.67
C VAL A 131 10.71 9.82 16.55
N ARG A 132 11.43 10.14 17.62
CA ARG A 132 12.80 9.81 17.81
C ARG A 132 12.75 9.55 19.31
N PRO A 133 13.37 8.48 19.82
CA PRO A 133 14.15 7.42 19.19
C PRO A 133 13.27 6.35 18.52
N PRO A 134 13.88 5.59 17.60
CA PRO A 134 13.13 4.51 16.95
C PRO A 134 12.77 3.44 17.98
N GLY A 135 11.97 2.50 17.54
CA GLY A 135 11.49 1.50 18.45
C GLY A 135 11.85 0.06 18.15
N HIS A 136 11.78 -0.36 16.87
CA HIS A 136 11.57 -1.77 16.53
C HIS A 136 12.72 -2.71 16.95
N HIS A 137 13.87 -2.19 17.39
CA HIS A 137 14.95 -3.07 17.78
C HIS A 137 14.94 -3.43 19.25
N SER A 138 14.23 -2.70 20.09
CA SER A 138 14.42 -2.87 21.52
C SER A 138 13.59 -4.06 22.00
N GLN A 139 14.07 -4.68 23.06
CA GLN A 139 13.47 -5.90 23.55
C GLN A 139 13.06 -5.71 25.02
N ARG A 140 12.46 -6.76 25.59
N ARG A 140 12.47 -6.77 25.59
CA ARG A 140 11.83 -6.64 26.90
CA ARG A 140 11.85 -6.66 26.90
C ARG A 140 12.78 -6.09 27.97
C ARG A 140 12.79 -6.06 27.95
N SER A 141 14.09 -6.39 27.86
CA SER A 141 15.04 -5.95 28.89
C SER A 141 16.31 -5.37 28.31
N ALA A 142 16.28 -4.84 27.09
CA ALA A 142 17.47 -4.24 26.52
C ALA A 142 17.12 -3.17 25.50
N ALA A 143 18.02 -2.21 25.37
CA ALA A 143 18.03 -1.27 24.25
C ALA A 143 18.92 -1.80 23.14
N ASN A 144 18.62 -1.43 21.91
CA ASN A 144 19.34 -1.98 20.78
C ASN A 144 19.14 -1.11 19.54
N GLY A 145 20.21 -0.90 18.79
CA GLY A 145 20.11 -0.25 17.50
C GLY A 145 19.29 1.02 17.53
N PHE A 146 19.74 1.99 18.34
CA PHE A 146 19.16 3.33 18.50
C PHE A 146 17.84 3.35 19.23
N CYS A 147 17.24 2.18 19.51
CA CYS A 147 15.94 2.10 20.17
C CYS A 147 16.06 1.92 21.68
N VAL A 148 15.13 2.55 22.40
CA VAL A 148 15.06 2.39 23.85
C VAL A 148 13.86 1.53 24.18
N PHE A 149 12.68 1.96 23.74
CA PHE A 149 11.43 1.25 23.96
C PHE A 149 10.80 0.97 22.60
N ASN A 150 10.07 -0.14 22.53
CA ASN A 150 9.55 -0.63 21.26
C ASN A 150 8.20 0.03 21.00
N ASN A 151 8.24 1.22 20.38
CA ASN A 151 7.03 2.05 20.19
C ASN A 151 5.92 1.28 19.47
N VAL A 152 6.26 0.54 18.42
CA VAL A 152 5.26 -0.23 17.68
C VAL A 152 4.78 -1.45 18.46
N ALA A 153 5.68 -2.11 19.20
CA ALA A 153 5.22 -3.16 20.11
C ALA A 153 4.14 -2.61 21.05
N PHE A 154 4.43 -1.46 21.69
CA PHE A 154 3.47 -0.78 22.56
C PHE A 154 2.12 -0.63 21.88
N ALA A 155 2.13 -0.11 20.66
CA ALA A 155 0.88 0.23 20.00
C ALA A 155 -0.02 -0.97 19.90
N ALA A 156 0.52 -2.11 19.45
CA ALA A 156 -0.31 -3.29 19.25
C ALA A 156 -0.82 -3.83 20.57
N LEU A 157 0.07 -3.97 21.57
CA LEU A 157 -0.37 -4.43 22.89
C LEU A 157 -1.42 -3.49 23.48
N TYR A 158 -1.17 -2.17 23.38
CA TYR A 158 -2.11 -1.18 23.85
C TYR A 158 -3.45 -1.30 23.14
N ALA A 159 -3.41 -1.39 21.80
CA ALA A 159 -4.64 -1.57 21.02
C ALA A 159 -5.30 -2.90 21.33
N LYS A 160 -4.50 -3.93 21.63
CA LYS A 160 -5.07 -5.18 22.14
C LYS A 160 -5.83 -4.94 23.45
N LYS A 161 -5.15 -4.36 24.43
CA LYS A 161 -5.69 -4.27 25.78
C LYS A 161 -6.92 -3.37 25.83
N ASN A 162 -6.80 -2.13 25.35
CA ASN A 162 -7.87 -1.14 25.55
C ASN A 162 -8.90 -1.09 24.42
N TYR A 163 -8.76 -1.88 23.37
CA TYR A 163 -9.80 -1.94 22.35
C TYR A 163 -10.19 -3.37 22.02
N ASN A 164 -9.65 -4.35 22.73
CA ASN A 164 -9.96 -5.77 22.55
C ASN A 164 -9.92 -6.16 21.08
N LEU A 165 -8.75 -5.93 20.46
CA LEU A 165 -8.53 -6.32 19.08
C LEU A 165 -7.97 -7.73 19.03
N ASN A 166 -8.45 -8.51 18.05
CA ASN A 166 -8.00 -9.88 17.85
C ASN A 166 -6.95 -10.04 16.77
N ARG A 167 -6.89 -9.15 15.79
CA ARG A 167 -5.96 -9.30 14.68
C ARG A 167 -5.36 -7.94 14.36
N ILE A 168 -4.05 -7.81 14.54
CA ILE A 168 -3.31 -6.60 14.23
C ILE A 168 -2.17 -6.98 13.28
N LEU A 169 -2.06 -6.25 12.17
CA LEU A 169 -0.95 -6.38 11.24
C LEU A 169 0.10 -5.31 11.54
N ILE A 170 1.37 -5.72 11.58
CA ILE A 170 2.50 -4.80 11.68
C ILE A 170 3.34 -5.03 10.45
N VAL A 171 3.52 -3.98 9.65
CA VAL A 171 4.34 -4.04 8.44
C VAL A 171 5.60 -3.25 8.71
N ASP A 172 6.76 -3.92 8.69
CA ASP A 172 8.02 -3.26 9.03
C ASP A 172 8.84 -3.14 7.74
N TRP A 173 8.69 -2.00 7.05
CA TRP A 173 9.40 -1.78 5.81
C TRP A 173 10.70 -1.04 6.01
N ASP A 174 11.17 -0.96 7.25
CA ASP A 174 12.51 -0.46 7.51
C ASP A 174 13.53 -1.40 6.87
N VAL A 175 14.74 -0.91 6.62
CA VAL A 175 15.72 -1.79 6.00
C VAL A 175 16.35 -2.77 6.99
N HIS A 176 16.26 -2.50 8.29
CA HIS A 176 16.72 -3.45 9.28
C HIS A 176 15.57 -4.31 9.78
N HIS A 177 15.94 -5.48 10.32
CA HIS A 177 14.96 -6.41 10.88
C HIS A 177 14.55 -5.93 12.27
N GLY A 178 13.24 -5.85 12.50
CA GLY A 178 12.76 -5.41 13.79
C GLY A 178 12.70 -6.53 14.80
N GLN A 179 13.87 -7.03 15.21
CA GLN A 179 13.90 -8.25 16.01
C GLN A 179 13.18 -8.08 17.34
N GLY A 180 13.20 -6.86 17.91
CA GLY A 180 12.41 -6.61 19.12
C GLY A 180 10.95 -6.95 18.93
N ILE A 181 10.38 -6.60 17.77
CA ILE A 181 8.96 -6.83 17.54
C ILE A 181 8.70 -8.32 17.35
N GLN A 182 9.55 -9.00 16.57
CA GLN A 182 9.39 -10.45 16.39
C GLN A 182 9.44 -11.18 17.71
N TYR A 183 10.38 -10.82 18.59
CA TYR A 183 10.50 -11.47 19.89
C TYR A 183 9.22 -11.32 20.71
N CYS A 184 8.62 -10.13 20.63
CA CYS A 184 7.52 -9.74 21.46
C CYS A 184 6.25 -10.53 21.08
N PHE A 185 6.08 -10.81 19.80
CA PHE A 185 4.87 -11.48 19.33
C PHE A 185 5.12 -12.88 18.78
N GLU A 186 6.33 -13.41 18.99
CA GLU A 186 6.77 -14.72 18.50
C GLU A 186 5.70 -15.80 18.59
N GLU A 187 5.23 -16.08 19.81
CA GLU A 187 4.17 -17.04 20.06
C GLU A 187 2.77 -16.44 20.01
N ASP A 188 2.60 -15.19 19.54
CA ASP A 188 1.29 -14.53 19.56
C ASP A 188 0.68 -14.55 18.16
N PRO A 189 -0.44 -15.24 17.94
CA PRO A 189 -1.07 -15.24 16.60
C PRO A 189 -2.00 -14.07 16.36
N SER A 190 -2.23 -13.23 17.33
CA SER A 190 -3.11 -12.09 17.13
C SER A 190 -2.39 -10.87 16.55
N VAL A 191 -1.06 -10.89 16.53
CA VAL A 191 -0.27 -9.80 15.96
C VAL A 191 0.62 -10.41 14.90
N LEU A 192 0.24 -10.23 13.63
CA LEU A 192 1.00 -10.74 12.50
C LEU A 192 2.09 -9.75 12.09
N TYR A 193 3.34 -10.17 12.20
CA TYR A 193 4.49 -9.31 11.89
C TYR A 193 5.08 -9.69 10.54
N PHE A 194 5.12 -8.73 9.62
CA PHE A 194 5.85 -8.85 8.38
C PHE A 194 7.02 -7.87 8.37
N SER A 195 8.22 -8.38 8.13
CA SER A 195 9.40 -7.55 7.97
C SER A 195 10.17 -7.99 6.72
N TRP A 196 10.61 -7.00 5.95
CA TRP A 196 11.68 -7.23 5.00
C TRP A 196 12.90 -6.46 5.49
N HIS A 197 14.08 -6.91 5.10
CA HIS A 197 15.26 -6.29 5.70
C HIS A 197 16.53 -6.79 5.02
N ARG A 198 17.56 -5.96 5.07
CA ARG A 198 18.85 -6.34 4.52
C ARG A 198 19.49 -7.38 5.44
N TYR A 199 19.84 -8.52 4.85
CA TYR A 199 20.36 -9.68 5.56
C TYR A 199 21.74 -10.04 5.05
N GLU A 200 21.88 -10.22 3.73
CA GLU A 200 23.11 -10.68 3.11
C GLU A 200 23.61 -11.95 3.82
N HIS A 201 22.75 -12.97 3.79
CA HIS A 201 23.06 -14.29 4.35
C HIS A 201 23.63 -14.15 5.76
N GLN A 202 23.03 -13.25 6.54
CA GLN A 202 23.29 -13.00 7.94
C GLN A 202 24.54 -12.16 8.15
N SER A 203 25.20 -11.69 7.10
CA SER A 203 26.36 -10.84 7.30
C SER A 203 25.99 -9.42 7.73
N PHE A 204 24.75 -8.98 7.48
CA PHE A 204 24.35 -7.62 7.83
C PHE A 204 23.73 -7.56 9.23
N TRP A 205 23.98 -6.43 9.91
CA TRP A 205 23.48 -6.22 11.26
C TRP A 205 21.95 -6.32 11.30
N PRO A 206 21.35 -6.91 12.35
CA PRO A 206 21.94 -7.43 13.61
C PRO A 206 22.51 -8.87 13.57
N ASN A 207 22.70 -9.47 12.39
CA ASN A 207 23.40 -10.76 12.27
C ASN A 207 22.70 -11.88 13.06
N LEU A 208 21.41 -12.06 12.80
CA LEU A 208 20.61 -12.99 13.57
C LEU A 208 20.10 -14.13 12.72
N PRO A 209 20.37 -15.39 13.10
CA PRO A 209 19.67 -16.52 12.48
C PRO A 209 18.17 -16.38 12.50
N GLU A 210 17.58 -15.76 13.54
CA GLU A 210 16.13 -15.59 13.63
C GLU A 210 15.56 -14.69 12.54
N SER A 211 16.41 -13.90 11.87
CA SER A 211 15.97 -12.97 10.84
C SER A 211 15.63 -13.65 9.52
N ASP A 212 16.06 -14.89 9.33
CA ASP A 212 15.86 -15.50 8.03
C ASP A 212 14.39 -15.87 7.83
N TYR A 213 14.04 -16.17 6.57
CA TYR A 213 12.69 -16.60 6.21
C TYR A 213 12.19 -17.81 6.99
N SER A 214 13.08 -18.59 7.58
CA SER A 214 12.65 -19.81 8.25
C SER A 214 11.99 -19.56 9.60
N SER A 215 12.23 -18.42 10.25
CA SER A 215 11.47 -18.09 11.47
C SER A 215 10.06 -17.68 11.09
N VAL A 216 9.11 -18.57 11.33
CA VAL A 216 7.70 -18.34 11.03
C VAL A 216 6.88 -18.12 12.30
N GLY A 217 7.54 -17.98 13.45
CA GLY A 217 6.88 -17.96 14.73
C GLY A 217 7.06 -19.27 15.48
N LYS A 218 6.65 -19.24 16.75
CA LYS A 218 6.70 -20.42 17.60
C LYS A 218 5.31 -20.73 18.17
N GLY A 219 5.06 -22.02 18.40
CA GLY A 219 3.86 -22.42 19.15
C GLY A 219 2.59 -21.99 18.46
N LYS A 220 1.66 -21.40 19.23
CA LYS A 220 0.41 -20.94 18.62
C LYS A 220 0.62 -19.78 17.64
N GLY A 221 1.84 -19.24 17.53
CA GLY A 221 2.13 -18.14 16.64
C GLY A 221 2.78 -18.49 15.33
N SER A 222 2.95 -19.77 15.03
CA SER A 222 3.65 -20.18 13.81
C SER A 222 2.80 -19.82 12.59
N GLY A 223 3.44 -19.18 11.59
CA GLY A 223 2.71 -18.55 10.51
C GLY A 223 2.42 -17.07 10.69
N PHE A 224 2.50 -16.55 11.91
CA PHE A 224 2.21 -15.14 12.15
C PHE A 224 3.47 -14.33 12.31
N ASN A 225 4.56 -14.84 11.77
CA ASN A 225 5.81 -14.09 11.64
C ASN A 225 6.34 -14.33 10.24
N ILE A 226 6.74 -13.26 9.55
CA ILE A 226 7.12 -13.37 8.15
C ILE A 226 8.33 -12.50 7.87
N ASN A 227 9.50 -13.14 7.71
CA ASN A 227 10.72 -12.44 7.36
C ASN A 227 11.02 -12.65 5.88
N LEU A 228 11.44 -11.57 5.22
CA LEU A 228 11.81 -11.60 3.80
C LEU A 228 13.20 -10.99 3.71
N PRO A 229 14.23 -11.81 3.83
CA PRO A 229 15.59 -11.27 3.84
C PRO A 229 16.04 -10.87 2.44
N TRP A 230 16.55 -9.64 2.32
CA TRP A 230 17.25 -9.23 1.11
C TRP A 230 18.70 -9.68 1.24
N ASN A 231 19.16 -10.48 0.29
CA ASN A 231 20.52 -10.99 0.35
C ASN A 231 21.47 -10.28 -0.60
N LYS A 232 20.98 -9.27 -1.31
CA LYS A 232 21.84 -8.36 -2.06
C LYS A 232 21.33 -6.94 -1.85
N VAL A 233 22.22 -5.96 -2.01
CA VAL A 233 21.80 -4.58 -1.91
C VAL A 233 21.27 -4.13 -3.27
N GLY A 234 20.95 -2.84 -3.39
CA GLY A 234 20.43 -2.33 -4.63
C GLY A 234 19.04 -2.82 -5.01
N MET A 235 18.27 -3.36 -4.08
CA MET A 235 16.91 -3.74 -4.41
C MET A 235 16.09 -2.53 -4.89
N THR A 236 15.17 -2.79 -5.82
CA THR A 236 14.53 -1.74 -6.60
C THR A 236 13.03 -1.70 -6.38
N ASN A 237 12.39 -0.66 -6.93
CA ASN A 237 10.93 -0.57 -6.83
C ASN A 237 10.28 -1.89 -7.24
N SER A 238 10.84 -2.59 -8.25
CA SER A 238 10.27 -3.86 -8.71
C SER A 238 10.44 -4.96 -7.66
N ASP A 239 11.47 -4.87 -6.84
CA ASP A 239 11.66 -5.86 -5.77
C ASP A 239 10.69 -5.62 -4.62
N TYR A 240 10.52 -4.35 -4.21
CA TYR A 240 9.53 -4.03 -3.18
C TYR A 240 8.12 -4.38 -3.66
N LEU A 241 7.78 -4.06 -4.90
CA LEU A 241 6.41 -4.36 -5.31
C LEU A 241 6.20 -5.87 -5.44
N ALA A 242 7.25 -6.61 -5.83
CA ALA A 242 7.12 -8.06 -5.91
C ALA A 242 6.88 -8.66 -4.53
N ALA A 243 7.58 -8.15 -3.52
CA ALA A 243 7.40 -8.62 -2.15
C ALA A 243 5.98 -8.34 -1.64
N PHE A 244 5.40 -7.20 -2.00
CA PHE A 244 4.03 -6.95 -1.57
C PHE A 244 3.05 -7.86 -2.32
N PHE A 245 3.16 -7.94 -3.64
CA PHE A 245 2.14 -8.65 -4.40
C PHE A 245 2.17 -10.16 -4.16
N HIS A 246 3.34 -10.74 -3.93
CA HIS A 246 3.45 -12.18 -3.84
C HIS A 246 3.76 -12.70 -2.44
N VAL A 247 3.98 -11.83 -1.45
CA VAL A 247 4.04 -12.26 -0.06
C VAL A 247 3.05 -11.54 0.84
N LEU A 248 3.21 -10.21 1.00
CA LEU A 248 2.60 -9.52 2.12
C LEU A 248 1.09 -9.39 1.94
N LEU A 249 0.66 -8.81 0.82
CA LEU A 249 -0.77 -8.60 0.60
C LEU A 249 -1.58 -9.88 0.55
N PRO A 250 -1.13 -10.97 -0.10
CA PRO A 250 -1.94 -12.19 -0.04
C PRO A 250 -2.20 -12.61 1.40
N VAL A 251 -1.16 -12.63 2.23
CA VAL A 251 -1.34 -12.93 3.65
C VAL A 251 -2.14 -11.84 4.35
N ALA A 252 -1.93 -10.56 4.00
CA ALA A 252 -2.61 -9.49 4.72
C ALA A 252 -4.12 -9.53 4.51
N TYR A 253 -4.59 -9.87 3.31
CA TYR A 253 -6.03 -9.79 3.10
C TYR A 253 -6.76 -11.02 3.64
N GLU A 254 -6.10 -12.18 3.64
CA GLU A 254 -6.70 -13.35 4.29
C GLU A 254 -6.74 -13.16 5.79
N PHE A 255 -5.67 -12.59 6.36
CA PHE A 255 -5.63 -12.28 7.77
C PHE A 255 -6.76 -11.33 8.18
N ASP A 256 -7.08 -10.35 7.32
CA ASP A 256 -8.06 -9.30 7.56
C ASP A 256 -7.85 -8.62 8.91
N PRO A 257 -6.81 -7.81 9.06
CA PRO A 257 -6.52 -7.22 10.37
C PRO A 257 -7.55 -6.16 10.75
N GLU A 258 -7.79 -6.05 12.06
CA GLU A 258 -8.66 -5.00 12.56
C GLU A 258 -7.96 -3.65 12.67
N LEU A 259 -6.62 -3.63 12.52
CA LEU A 259 -5.82 -2.41 12.55
C LEU A 259 -4.45 -2.72 11.95
N VAL A 260 -3.89 -1.77 11.21
CA VAL A 260 -2.58 -1.91 10.60
C VAL A 260 -1.63 -0.90 11.25
N ILE A 261 -0.44 -1.37 11.66
CA ILE A 261 0.62 -0.52 12.19
C ILE A 261 1.87 -0.69 11.33
N VAL A 262 2.47 0.43 10.92
CA VAL A 262 3.67 0.41 10.11
C VAL A 262 4.86 0.88 10.93
N SER A 263 5.88 0.03 11.06
CA SER A 263 7.24 0.49 11.34
C SER A 263 7.77 1.06 10.04
N ALA A 264 7.67 2.38 9.88
CA ALA A 264 8.05 3.00 8.62
C ALA A 264 9.43 3.59 8.79
N GLY A 265 10.45 2.77 8.50
CA GLY A 265 11.82 3.24 8.35
C GLY A 265 12.10 3.48 6.88
N PHE A 266 12.74 4.60 6.58
CA PHE A 266 13.02 4.94 5.20
C PHE A 266 14.51 4.82 4.86
N ASP A 267 15.30 4.19 5.74
CA ASP A 267 16.63 3.73 5.33
C ASP A 267 16.57 2.68 4.25
N SER A 268 15.36 2.20 3.89
CA SER A 268 15.16 1.29 2.78
C SER A 268 15.06 1.99 1.43
N ALA A 269 15.23 3.31 1.40
CA ALA A 269 15.02 4.11 0.21
C ALA A 269 16.36 4.50 -0.41
N ILE A 270 16.32 4.84 -1.70
CA ILE A 270 17.55 5.15 -2.41
C ILE A 270 18.31 6.25 -1.70
N GLY A 271 19.63 6.11 -1.68
CA GLY A 271 20.49 7.11 -1.10
C GLY A 271 20.89 6.88 0.35
N ASP A 272 20.22 5.97 1.06
CA ASP A 272 20.52 5.79 2.48
C ASP A 272 21.89 5.14 2.68
N PRO A 273 22.75 5.71 3.53
CA PRO A 273 24.09 5.15 3.71
C PRO A 273 24.11 3.78 4.38
N GLU A 274 23.04 3.41 5.09
CA GLU A 274 22.98 2.13 5.79
C GLU A 274 22.22 1.05 5.04
N GLY A 275 21.27 1.41 4.18
CA GLY A 275 20.46 0.40 3.52
C GLY A 275 20.98 0.03 2.14
N GLU A 276 21.50 1.03 1.43
CA GLU A 276 22.10 0.85 0.09
C GLU A 276 21.15 0.15 -0.88
N MET A 277 19.84 0.35 -0.69
CA MET A 277 18.86 -0.08 -1.67
C MET A 277 18.58 1.05 -2.68
N CYS A 278 17.73 0.75 -3.67
CA CYS A 278 17.50 1.63 -4.82
C CYS A 278 16.04 1.92 -5.10
N ALA A 279 15.17 1.91 -4.09
CA ALA A 279 13.79 2.28 -4.33
C ALA A 279 13.62 3.80 -4.23
N LEU A 280 12.90 4.36 -5.20
CA LEU A 280 12.61 5.77 -5.17
C LEU A 280 11.62 6.06 -4.04
N PRO A 281 11.62 7.29 -3.50
CA PRO A 281 10.59 7.68 -2.53
C PRO A 281 9.17 7.39 -2.99
N GLU A 282 8.89 7.60 -4.27
CA GLU A 282 7.55 7.35 -4.77
C GLU A 282 7.02 5.98 -4.38
N ILE A 283 7.90 5.00 -4.17
CA ILE A 283 7.45 3.65 -3.89
C ILE A 283 6.61 3.63 -2.62
N PHE A 284 6.94 4.51 -1.65
CA PHE A 284 6.24 4.55 -0.39
C PHE A 284 4.84 5.13 -0.52
N ALA A 285 4.58 5.92 -1.55
CA ALA A 285 3.21 6.30 -1.85
C ALA A 285 2.37 5.10 -2.15
N HIS A 286 2.96 4.05 -2.72
CA HIS A 286 2.16 2.88 -3.05
C HIS A 286 2.16 1.86 -1.94
N LEU A 287 3.24 1.74 -1.17
CA LEU A 287 3.22 0.80 -0.07
C LEU A 287 2.12 1.17 0.91
N THR A 288 2.02 2.46 1.21
CA THR A 288 0.87 3.01 1.91
C THR A 288 -0.43 2.67 1.18
N HIS A 289 -0.54 3.07 -0.08
CA HIS A 289 -1.79 2.91 -0.81
C HIS A 289 -2.27 1.45 -0.81
N LEU A 290 -1.36 0.50 -1.01
CA LEU A 290 -1.79 -0.88 -1.16
C LEU A 290 -2.38 -1.45 0.13
N LEU A 291 -2.02 -0.87 1.28
CA LEU A 291 -2.49 -1.35 2.58
C LEU A 291 -3.76 -0.64 3.08
N MET A 292 -4.09 0.53 2.55
CA MET A 292 -5.19 1.29 3.14
C MET A 292 -6.57 0.65 2.99
N PRO A 293 -6.81 -0.25 2.01
CA PRO A 293 -8.06 -1.02 2.05
C PRO A 293 -8.13 -1.98 3.21
N LEU A 294 -7.06 -2.17 3.97
CA LEU A 294 -7.13 -3.04 5.14
C LEU A 294 -7.70 -2.27 6.33
N ALA A 295 -8.39 -3.00 7.21
CA ALA A 295 -8.91 -2.48 8.48
C ALA A 295 -9.63 -1.14 8.30
N ALA A 296 -10.43 -1.04 7.24
CA ALA A 296 -11.25 0.14 7.01
C ALA A 296 -10.41 1.40 6.91
N GLY A 297 -9.11 1.25 6.64
CA GLY A 297 -8.22 2.38 6.54
C GLY A 297 -7.48 2.72 7.81
N LYS A 298 -7.76 2.04 8.91
CA LYS A 298 -7.16 2.41 10.18
C LYS A 298 -5.64 2.10 10.21
N MET A 299 -4.81 3.05 9.79
CA MET A 299 -3.39 2.81 9.61
C MET A 299 -2.56 3.73 10.51
N CYS A 300 -1.63 3.17 11.27
CA CYS A 300 -0.77 3.98 12.12
C CYS A 300 0.70 3.86 11.69
N VAL A 301 1.16 4.82 10.90
CA VAL A 301 2.52 4.85 10.39
C VAL A 301 3.41 5.42 11.46
N VAL A 302 4.52 4.74 11.78
CA VAL A 302 5.37 5.16 12.90
C VAL A 302 6.81 5.19 12.42
N LEU A 303 7.41 6.37 12.44
CA LEU A 303 8.78 6.52 11.95
C LEU A 303 9.74 5.60 12.70
N GLU A 304 10.67 4.99 11.95
CA GLU A 304 11.73 4.16 12.49
C GLU A 304 13.06 4.78 12.04
N GLY A 305 13.70 4.25 11.00
CA GLY A 305 14.95 4.77 10.50
C GLY A 305 14.81 5.59 9.22
N GLY A 306 15.97 6.05 8.73
CA GLY A 306 16.09 6.94 7.58
C GLY A 306 17.19 7.96 7.82
N TYR A 307 18.23 7.98 6.99
CA TYR A 307 19.46 8.67 7.38
C TYR A 307 20.01 9.65 6.36
N ASN A 308 19.70 9.45 5.09
CA ASN A 308 19.97 10.49 4.11
C ASN A 308 18.91 11.57 4.29
N LEU A 309 19.33 12.74 4.79
CA LEU A 309 18.36 13.76 5.12
C LEU A 309 17.52 14.16 3.91
N THR A 310 18.11 14.14 2.70
CA THR A 310 17.34 14.44 1.51
C THR A 310 16.32 13.35 1.20
N SER A 311 16.77 12.11 0.99
CA SER A 311 15.82 11.01 0.72
C SER A 311 14.78 10.86 1.83
N LEU A 312 15.10 11.33 3.05
CA LEU A 312 14.19 11.14 4.17
C LEU A 312 12.90 11.92 3.98
N GLY A 313 13.01 13.24 3.75
CA GLY A 313 11.82 14.06 3.64
C GLY A 313 10.97 13.71 2.44
N GLN A 314 11.60 13.33 1.33
CA GLN A 314 10.83 12.97 0.16
C GLN A 314 9.93 11.78 0.43
N SER A 315 10.46 10.76 1.14
CA SER A 315 9.68 9.55 1.37
C SER A 315 8.59 9.75 2.42
N VAL A 316 8.88 10.57 3.43
CA VAL A 316 7.84 10.96 4.37
C VAL A 316 6.69 11.63 3.63
N CYS A 317 7.00 12.60 2.75
CA CYS A 317 5.96 13.31 2.02
C CYS A 317 5.16 12.38 1.12
N GLN A 318 5.78 11.35 0.58
CA GLN A 318 5.03 10.39 -0.22
C GLN A 318 4.07 9.57 0.64
N THR A 319 4.51 9.23 1.86
CA THR A 319 3.63 8.47 2.75
C THR A 319 2.42 9.30 3.19
N VAL A 320 2.64 10.58 3.55
CA VAL A 320 1.55 11.42 4.05
C VAL A 320 0.58 11.78 2.93
N HIS A 321 1.12 12.17 1.77
CA HIS A 321 0.30 12.36 0.57
C HIS A 321 -0.71 11.24 0.42
N SER A 322 -0.25 9.99 0.54
CA SER A 322 -1.13 8.84 0.36
C SER A 322 -2.08 8.68 1.52
N LEU A 323 -1.63 9.03 2.73
CA LEU A 323 -2.52 9.00 3.90
C LEU A 323 -3.71 9.95 3.72
N LEU A 324 -3.46 11.15 3.19
CA LEU A 324 -4.46 12.15 2.84
C LEU A 324 -5.24 11.82 1.58
N GLY A 325 -4.91 10.69 0.92
CA GLY A 325 -5.63 10.25 -0.26
C GLY A 325 -5.29 11.00 -1.53
N ASP A 326 -4.16 11.67 -1.58
CA ASP A 326 -3.76 12.35 -2.81
C ASP A 326 -3.38 11.33 -3.88
N PRO A 327 -3.46 11.71 -5.16
CA PRO A 327 -3.19 10.73 -6.23
C PRO A 327 -1.76 10.21 -6.18
N THR A 328 -1.61 8.90 -6.43
CA THR A 328 -0.32 8.23 -6.36
C THR A 328 0.49 8.51 -7.63
N PRO A 329 1.81 8.65 -7.53
CA PRO A 329 2.63 8.87 -8.73
C PRO A 329 2.77 7.60 -9.55
N ARG A 330 2.80 7.77 -10.87
CA ARG A 330 3.09 6.64 -11.75
C ARG A 330 4.53 6.14 -11.56
N ILE A 331 4.69 4.83 -11.44
CA ILE A 331 6.01 4.19 -11.37
C ILE A 331 6.34 3.60 -12.75
N SER A 332 7.43 4.08 -13.35
CA SER A 332 7.83 3.58 -14.66
C SER A 332 8.99 2.60 -14.53
N GLY A 333 9.18 1.82 -15.58
CA GLY A 333 10.30 0.91 -15.65
C GLY A 333 10.21 -0.27 -14.72
N LEU A 334 9.00 -0.62 -14.28
CA LEU A 334 8.87 -1.77 -13.43
C LEU A 334 8.97 -3.01 -14.29
N GLY A 335 9.47 -4.08 -13.68
CA GLY A 335 9.63 -5.33 -14.37
C GLY A 335 9.94 -6.39 -13.33
N THR A 336 10.77 -7.35 -13.70
CA THR A 336 10.96 -8.51 -12.84
C THR A 336 11.81 -8.15 -11.63
N ALA A 337 11.49 -8.77 -10.50
CA ALA A 337 12.41 -8.69 -9.38
C ALA A 337 13.73 -9.36 -9.78
N CYS A 338 14.81 -8.93 -9.16
CA CYS A 338 16.08 -9.54 -9.48
C CYS A 338 16.12 -10.98 -8.94
N ASP A 339 17.21 -11.69 -9.28
CA ASP A 339 17.25 -13.14 -9.02
C ASP A 339 17.31 -13.43 -7.52
N SER A 340 18.12 -12.67 -6.78
CA SER A 340 18.17 -12.81 -5.33
C SER A 340 16.80 -12.59 -4.67
N ALA A 341 16.06 -11.58 -5.12
CA ALA A 341 14.74 -11.31 -4.55
C ALA A 341 13.79 -12.46 -4.84
N LEU A 342 13.80 -12.98 -6.06
CA LEU A 342 12.91 -14.07 -6.38
C LEU A 342 13.25 -15.30 -5.54
N GLU A 343 14.55 -15.52 -5.28
CA GLU A 343 14.96 -16.60 -4.38
C GLU A 343 14.35 -16.40 -2.98
N SER A 344 14.54 -15.20 -2.39
CA SER A 344 13.93 -14.92 -1.09
C SER A 344 12.41 -15.01 -1.15
N ILE A 345 11.79 -14.44 -2.18
CA ILE A 345 10.34 -14.48 -2.28
C ILE A 345 9.86 -15.91 -2.39
N GLN A 346 10.58 -16.74 -3.13
CA GLN A 346 10.18 -18.12 -3.32
C GLN A 346 10.40 -18.95 -2.06
N ASN A 347 11.46 -18.66 -1.31
CA ASN A 347 11.74 -19.43 -0.09
C ASN A 347 10.70 -19.17 0.98
N VAL A 348 10.38 -17.90 1.25
CA VAL A 348 9.40 -17.58 2.29
C VAL A 348 8.01 -18.09 1.91
N ARG A 349 7.64 -17.95 0.64
CA ARG A 349 6.35 -18.50 0.19
C ARG A 349 6.28 -19.99 0.49
N ASN A 350 7.34 -20.72 0.16
CA ASN A 350 7.32 -22.16 0.37
C ASN A 350 7.25 -22.49 1.86
N VAL A 351 8.08 -21.85 2.69
CA VAL A 351 8.03 -22.19 4.12
C VAL A 351 6.69 -21.78 4.74
N GLN A 352 6.08 -20.68 4.28
CA GLN A 352 4.80 -20.27 4.82
C GLN A 352 3.61 -21.07 4.28
N SER A 353 3.84 -21.95 3.29
CA SER A 353 2.74 -22.57 2.56
C SER A 353 1.90 -23.48 3.45
N SER A 354 2.46 -23.99 4.54
CA SER A 354 1.68 -24.78 5.48
C SER A 354 0.69 -23.94 6.27
N TYR A 355 0.80 -22.60 6.25
CA TYR A 355 0.05 -21.75 7.14
C TYR A 355 -0.95 -20.83 6.47
N TRP A 356 -0.79 -20.53 5.18
CA TRP A 356 -1.66 -19.59 4.50
C TRP A 356 -2.27 -20.22 3.26
N SER A 357 -3.60 -20.09 3.10
CA SER A 357 -4.32 -20.67 1.98
C SER A 357 -4.18 -19.86 0.69
N SER A 358 -3.16 -19.02 0.58
CA SER A 358 -2.74 -18.38 -0.66
C SER A 358 -1.52 -19.05 -1.27
N PHE A 359 -0.69 -19.66 -0.44
CA PHE A 359 0.47 -20.43 -0.89
C PHE A 359 0.23 -21.92 -0.80
N LYS A 360 -0.99 -22.35 -0.42
CA LYS A 360 -1.22 -23.76 -0.10
C LYS A 360 -0.87 -24.67 -1.27
N HIS A 361 -1.28 -24.29 -2.49
CA HIS A 361 -0.95 -25.05 -3.69
C HIS A 361 0.54 -25.30 -3.89
N LEU A 362 1.40 -24.53 -3.20
CA LEU A 362 2.83 -24.77 -3.30
C LEU A 362 3.30 -26.00 -2.53
N ALA A 363 2.44 -26.60 -1.70
CA ALA A 363 2.86 -27.66 -0.77
C ALA A 363 2.55 -29.06 -1.26
N GLN A 364 1.50 -29.24 -2.07
CA GLN A 364 1.12 -30.52 -2.66
C GLN A 364 1.24 -30.42 -4.17
N SER A 365 2.10 -31.26 -4.77
CA SER A 365 2.51 -31.12 -6.17
C SER A 365 1.39 -31.58 -7.13
N GLU A 366 0.27 -30.88 -7.06
CA GLU A 366 -0.87 -31.07 -7.96
C GLU A 366 -1.52 -29.70 -8.18
N VAL A 401 21.85 12.52 -7.20
CA VAL A 401 22.02 11.08 -7.03
C VAL A 401 20.74 10.39 -7.58
N TRP A 402 19.60 11.07 -7.49
CA TRP A 402 18.36 10.63 -8.13
C TRP A 402 17.44 11.85 -8.32
N PRO A 403 16.44 11.76 -9.18
CA PRO A 403 15.60 12.93 -9.47
C PRO A 403 14.46 13.12 -8.49
N GLU A 404 13.90 14.34 -8.50
CA GLU A 404 12.85 14.78 -7.59
C GLU A 404 11.50 14.13 -7.92
N PRO A 405 10.71 13.81 -6.88
CA PRO A 405 9.30 13.50 -7.11
C PRO A 405 8.55 14.71 -7.66
N LEU A 406 7.53 14.45 -8.48
CA LEU A 406 6.72 15.50 -9.06
C LEU A 406 5.47 15.74 -8.21
N LYS A 407 4.95 16.98 -8.29
CA LYS A 407 3.90 17.44 -7.37
C LYS A 407 2.62 16.60 -7.47
N ARG A 408 1.91 16.50 -6.35
CA ARG A 408 0.74 15.62 -6.21
C ARG A 408 -0.47 16.34 -5.62
N MET A 409 -0.66 17.62 -5.94
CA MET A 409 -1.82 18.35 -5.44
C MET A 409 -3.09 17.53 -5.68
N PRO A 410 -4.01 17.44 -4.72
CA PRO A 410 -5.26 16.72 -4.95
C PRO A 410 -6.14 17.48 -5.93
N ALA A 411 -7.04 16.74 -6.59
CA ALA A 411 -7.88 17.33 -7.62
C ALA A 411 -8.89 18.31 -7.04
N SER A 412 -9.24 19.33 -7.84
CA SER A 412 -10.30 20.29 -7.54
C SER A 412 -11.53 19.57 -7.01
N VAL A 413 -12.20 18.83 -7.90
CA VAL A 413 -13.21 17.84 -7.55
C VAL A 413 -12.59 16.47 -7.80
N ARG A 414 -12.67 15.58 -6.81
CA ARG A 414 -12.05 14.28 -7.02
C ARG A 414 -12.85 13.42 -8.00
N THR A 415 -14.17 13.40 -7.89
CA THR A 415 -14.95 12.39 -8.60
C THR A 415 -16.23 12.96 -9.20
N VAL A 416 -16.52 12.56 -10.43
CA VAL A 416 -17.64 13.08 -11.21
C VAL A 416 -18.59 11.92 -11.50
N VAL A 417 -19.87 12.12 -11.21
CA VAL A 417 -20.88 11.06 -11.34
C VAL A 417 -21.90 11.48 -12.39
N VAL A 418 -22.30 10.52 -13.23
CA VAL A 418 -23.30 10.79 -14.25
C VAL A 418 -24.35 9.68 -14.18
N PRO A 419 -25.28 9.72 -13.22
CA PRO A 419 -26.32 8.69 -13.14
C PRO A 419 -27.33 8.88 -14.26
N PRO A 420 -28.32 7.99 -14.41
CA PRO A 420 -29.30 8.18 -15.47
C PRO A 420 -30.02 9.50 -15.30
N PRO A 421 -30.56 10.07 -16.37
CA PRO A 421 -31.25 11.36 -16.25
C PRO A 421 -32.49 11.23 -15.37
N GLY A 422 -32.54 12.02 -14.31
CA GLY A 422 -33.63 11.91 -13.36
C GLY A 422 -33.20 11.38 -12.01
N VAL A 423 -32.30 10.39 -12.01
CA VAL A 423 -31.77 9.84 -10.76
C VAL A 423 -30.85 10.88 -10.12
N GLU A 424 -30.97 11.03 -8.80
CA GLU A 424 -30.07 11.92 -8.05
C GLU A 424 -30.04 11.42 -6.61
N LEU A 425 -28.96 10.75 -6.25
CA LEU A 425 -28.70 10.40 -4.86
C LEU A 425 -27.72 11.41 -4.27
N THR A 426 -27.55 11.35 -2.96
CA THR A 426 -26.62 12.23 -2.29
C THR A 426 -25.19 11.77 -2.54
N LEU A 427 -24.26 12.73 -2.56
CA LEU A 427 -22.89 12.47 -2.92
C LEU A 427 -21.94 12.94 -1.83
N PRO A 428 -20.83 12.24 -1.63
CA PRO A 428 -19.78 12.73 -0.72
C PRO A 428 -19.34 14.13 -1.07
N LYS A 429 -18.70 14.79 -0.10
CA LYS A 429 -18.39 16.22 -0.22
C LYS A 429 -17.52 16.52 -1.43
N ASN A 430 -16.77 15.55 -1.93
CA ASN A 430 -15.84 15.75 -3.05
C ASN A 430 -16.30 15.02 -4.31
N CYS A 431 -17.59 15.13 -4.65
CA CYS A 431 -18.06 14.67 -5.95
C CYS A 431 -19.05 15.70 -6.50
N GLN A 432 -19.68 15.35 -7.62
CA GLN A 432 -20.36 16.30 -8.47
C GLN A 432 -21.04 15.54 -9.59
N HIS A 433 -22.17 16.07 -10.04
CA HIS A 433 -22.76 15.59 -11.27
C HIS A 433 -21.99 16.14 -12.47
N SER A 434 -22.35 15.65 -13.65
CA SER A 434 -21.75 16.07 -14.91
C SER A 434 -21.78 17.59 -15.12
N ILE A 437 -22.33 19.69 -19.97
CA ILE A 437 -22.08 19.46 -21.39
C ILE A 437 -21.50 20.72 -22.06
N SER A 438 -21.06 20.59 -23.32
CA SER A 438 -20.37 21.67 -24.02
C SER A 438 -20.78 21.70 -25.48
N GLU A 439 -20.49 22.85 -26.14
CA GLU A 439 -20.70 22.96 -27.58
C GLU A 439 -19.60 22.23 -28.34
N SER A 440 -18.33 22.48 -27.96
CA SER A 440 -17.21 21.71 -28.51
C SER A 440 -17.45 20.22 -28.36
N THR A 441 -17.77 19.79 -27.13
CA THR A 441 -18.10 18.40 -26.85
C THR A 441 -19.26 17.91 -27.70
N ALA A 442 -20.20 18.79 -28.05
CA ALA A 442 -21.33 18.34 -28.87
C ALA A 442 -20.95 18.17 -30.34
N LYS A 443 -20.04 19.01 -30.86
CA LYS A 443 -19.60 18.85 -32.25
C LYS A 443 -18.83 17.54 -32.44
N GLU A 444 -18.05 17.13 -31.45
CA GLU A 444 -17.36 15.84 -31.53
C GLU A 444 -18.34 14.69 -31.64
N VAL A 445 -19.34 14.64 -30.75
CA VAL A 445 -20.30 13.54 -30.81
C VAL A 445 -20.97 13.51 -32.18
N GLN A 446 -21.29 14.68 -32.73
CA GLN A 446 -21.82 14.69 -34.10
C GLN A 446 -20.75 14.23 -35.08
N ARG A 447 -19.52 14.76 -34.95
CA ARG A 447 -18.37 14.29 -35.74
C ARG A 447 -18.21 12.79 -35.65
N ILE A 448 -18.11 12.26 -34.42
CA ILE A 448 -17.96 10.83 -34.20
C ILE A 448 -19.11 10.06 -34.81
N ARG A 449 -20.33 10.59 -34.68
CA ARG A 449 -21.52 9.88 -35.15
C ARG A 449 -21.46 9.62 -36.64
N ASP A 450 -21.32 10.68 -37.44
CA ASP A 450 -21.37 10.54 -38.89
C ASP A 450 -20.25 9.64 -39.42
N LYS A 451 -19.10 9.60 -38.74
CA LYS A 451 -18.02 8.73 -39.21
C LYS A 451 -18.28 7.27 -38.88
N HIS A 452 -18.63 6.95 -37.62
CA HIS A 452 -18.57 5.58 -37.14
C HIS A 452 -19.90 4.95 -36.77
N PHE A 453 -20.93 5.74 -36.47
CA PHE A 453 -22.25 5.20 -36.12
C PHE A 453 -23.29 6.04 -36.86
N HIS A 454 -23.40 5.80 -38.17
CA HIS A 454 -24.38 6.52 -38.98
C HIS A 454 -25.80 6.11 -38.61
N ASP A 455 -26.04 4.82 -38.41
CA ASP A 455 -27.37 4.33 -38.07
C ASP A 455 -27.57 4.26 -36.56
N LEU A 456 -27.44 5.42 -35.90
CA LEU A 456 -27.76 5.54 -34.48
C LEU A 456 -28.30 6.93 -34.19
N THR A 457 -29.48 6.99 -33.56
CA THR A 457 -30.15 8.26 -33.28
C THR A 457 -30.72 8.37 -31.87
N ASP A 458 -30.71 7.30 -31.07
CA ASP A 458 -31.09 7.33 -29.65
C ASP A 458 -30.47 8.52 -28.92
N GLN A 459 -31.25 9.59 -28.69
CA GLN A 459 -30.73 10.76 -27.99
C GLN A 459 -30.33 10.46 -26.54
N ASN A 460 -30.57 9.25 -26.03
CA ASN A 460 -30.03 8.85 -24.73
C ASN A 460 -28.58 8.40 -24.85
N ILE A 461 -28.33 7.42 -25.72
CA ILE A 461 -26.95 6.99 -25.98
C ILE A 461 -26.07 8.19 -26.29
N LEU A 462 -26.54 9.04 -27.22
CA LEU A 462 -25.75 10.20 -27.60
C LEU A 462 -25.54 11.18 -26.45
N ARG A 463 -26.29 11.04 -25.35
CA ARG A 463 -25.99 11.82 -24.14
C ARG A 463 -24.82 11.18 -23.39
N SER A 464 -24.89 9.87 -23.13
CA SER A 464 -23.75 9.17 -22.56
C SER A 464 -22.46 9.57 -23.26
N LEU A 465 -22.44 9.49 -24.60
CA LEU A 465 -21.21 9.77 -25.33
C LEU A 465 -20.71 11.18 -25.03
N GLY A 466 -21.61 12.17 -24.99
CA GLY A 466 -21.22 13.50 -24.59
C GLY A 466 -20.67 13.55 -23.18
N ASN A 467 -21.20 12.71 -22.29
CA ASN A 467 -20.73 12.71 -20.91
C ASN A 467 -19.34 12.10 -20.80
N ILE A 468 -19.16 10.92 -21.40
CA ILE A 468 -17.86 10.27 -21.46
C ILE A 468 -16.78 11.25 -21.93
N ILE A 469 -17.04 11.94 -23.03
CA ILE A 469 -16.04 12.82 -23.61
C ILE A 469 -15.74 13.96 -22.65
N SER A 470 -16.78 14.66 -22.18
CA SER A 470 -16.55 15.82 -21.32
C SER A 470 -15.90 15.40 -20.00
N VAL A 471 -16.28 14.25 -19.44
CA VAL A 471 -15.65 13.81 -18.19
C VAL A 471 -14.20 13.42 -18.44
N LEU A 472 -13.90 12.77 -19.57
CA LEU A 472 -12.51 12.46 -19.90
C LEU A 472 -11.72 13.74 -20.13
N ASP A 473 -12.33 14.74 -20.77
CA ASP A 473 -11.63 16.01 -20.99
C ASP A 473 -11.21 16.63 -19.67
N ARG A 474 -12.05 16.51 -18.63
CA ARG A 474 -11.73 17.08 -17.34
C ARG A 474 -10.73 16.23 -16.56
N MET A 475 -10.59 14.93 -16.87
CA MET A 475 -9.57 14.09 -16.25
C MET A 475 -8.22 14.22 -16.94
N MET A 476 -8.20 14.07 -18.27
CA MET A 476 -6.94 13.84 -18.98
C MET A 476 -6.09 15.09 -19.18
N ARG A 477 -6.60 16.28 -18.84
CA ARG A 477 -5.89 17.48 -19.26
C ARG A 477 -6.06 18.67 -18.34
N SER A 478 -6.65 18.53 -17.15
CA SER A 478 -7.03 19.70 -16.37
C SER A 478 -6.60 19.70 -14.91
N ASP A 479 -6.07 18.60 -14.37
CA ASP A 479 -5.73 18.47 -12.95
C ASP A 479 -6.90 18.84 -12.04
N GLU A 480 -8.10 18.99 -12.61
CA GLU A 480 -9.28 19.44 -11.88
C GLU A 480 -10.09 18.25 -11.35
N VAL A 481 -10.52 17.39 -12.23
CA VAL A 481 -11.17 16.15 -11.85
C VAL A 481 -10.15 15.02 -11.84
N CYS A 482 -10.33 14.05 -10.95
CA CYS A 482 -9.48 12.87 -10.87
CA CYS A 482 -9.47 12.89 -10.91
C CYS A 482 -10.06 11.70 -11.66
N ASN A 483 -11.22 11.18 -11.23
CA ASN A 483 -11.84 10.03 -11.86
C ASN A 483 -13.33 10.28 -12.00
N GLY A 484 -14.07 9.28 -12.48
CA GLY A 484 -15.50 9.47 -12.66
C GLY A 484 -16.24 8.18 -12.91
N CYS A 485 -17.56 8.27 -12.84
CA CYS A 485 -18.41 7.12 -13.16
C CYS A 485 -19.60 7.57 -13.99
N VAL A 486 -19.80 6.90 -15.12
CA VAL A 486 -20.88 7.22 -16.05
C VAL A 486 -21.69 5.95 -16.26
N VAL A 487 -22.99 6.01 -15.97
CA VAL A 487 -23.91 4.94 -16.29
C VAL A 487 -24.27 5.03 -17.76
N VAL A 488 -24.22 3.90 -18.46
CA VAL A 488 -24.40 3.88 -19.90
C VAL A 488 -25.37 2.76 -20.26
N SER A 489 -25.98 2.90 -21.44
CA SER A 489 -26.97 1.94 -21.90
C SER A 489 -26.33 0.97 -22.90
N ASP A 490 -25.95 1.47 -24.07
CA ASP A 490 -25.26 0.64 -25.04
C ASP A 490 -23.79 0.61 -24.69
N LEU A 491 -23.28 -0.60 -24.48
CA LEU A 491 -21.90 -0.75 -24.04
C LEU A 491 -20.91 -0.49 -25.18
N SER A 492 -21.13 -1.15 -26.33
CA SER A 492 -20.12 -1.16 -27.38
C SER A 492 -19.78 0.24 -27.89
N VAL A 493 -20.78 1.10 -28.09
CA VAL A 493 -20.52 2.46 -28.54
C VAL A 493 -19.89 3.28 -27.41
N SER A 494 -20.34 3.03 -26.19
CA SER A 494 -19.79 3.75 -25.04
C SER A 494 -18.30 3.47 -24.89
N VAL A 495 -17.92 2.18 -24.94
CA VAL A 495 -16.53 1.78 -24.76
C VAL A 495 -15.65 2.32 -25.89
N GLN A 496 -16.09 2.11 -27.13
CA GLN A 496 -15.36 2.63 -28.29
C GLN A 496 -15.04 4.10 -28.14
N CYS A 497 -16.06 4.91 -27.84
CA CYS A 497 -15.83 6.34 -27.71
CA CYS A 497 -15.82 6.35 -27.70
C CYS A 497 -14.93 6.64 -26.51
N ALA A 498 -15.16 5.94 -25.39
CA ALA A 498 -14.29 6.09 -24.24
C ALA A 498 -12.84 5.82 -24.64
N LEU A 499 -12.60 4.63 -25.18
CA LEU A 499 -11.25 4.18 -25.49
C LEU A 499 -10.59 5.08 -26.53
N GLN A 500 -11.23 5.22 -27.69
CA GLN A 500 -10.60 5.95 -28.79
C GLN A 500 -10.38 7.40 -28.44
N HIS A 501 -11.29 8.00 -27.68
CA HIS A 501 -11.09 9.37 -27.25
C HIS A 501 -9.88 9.49 -26.32
N ALA A 502 -9.68 8.49 -25.46
CA ALA A 502 -8.56 8.55 -24.54
C ALA A 502 -7.21 8.40 -25.26
N LEU A 503 -7.14 7.60 -26.33
CA LEU A 503 -5.86 7.33 -27.01
C LEU A 503 -5.35 8.57 -27.73
N THR A 504 -6.24 9.34 -28.36
CA THR A 504 -5.88 10.59 -28.99
C THR A 504 -5.65 11.74 -27.99
N GLU A 505 -5.86 11.50 -26.69
CA GLU A 505 -5.87 12.59 -25.70
C GLU A 505 -4.59 13.42 -25.61
N PRO A 506 -3.36 12.86 -25.68
CA PRO A 506 -2.96 11.46 -25.82
C PRO A 506 -2.86 10.74 -24.48
N ALA A 507 -3.34 9.50 -24.43
CA ALA A 507 -3.00 8.56 -23.37
C ALA A 507 -2.15 7.49 -24.03
N GLU A 508 -0.83 7.54 -23.78
CA GLU A 508 0.08 6.55 -24.36
C GLU A 508 -0.45 5.13 -24.16
N ARG A 509 -1.04 4.84 -23.00
CA ARG A 509 -1.44 3.49 -22.62
C ARG A 509 -2.73 3.54 -21.79
N VAL A 510 -3.65 2.62 -22.07
CA VAL A 510 -4.94 2.52 -21.38
C VAL A 510 -5.10 1.09 -20.90
N LEU A 511 -5.23 0.91 -19.59
CA LEU A 511 -5.61 -0.36 -18.98
C LEU A 511 -7.13 -0.45 -18.93
N VAL A 512 -7.68 -1.59 -19.33
CA VAL A 512 -9.13 -1.78 -19.39
C VAL A 512 -9.51 -3.00 -18.54
N VAL A 513 -10.30 -2.76 -17.49
CA VAL A 513 -10.77 -3.83 -16.61
C VAL A 513 -12.26 -4.01 -16.86
N TYR A 514 -12.64 -5.19 -17.37
CA TYR A 514 -13.99 -5.47 -17.82
C TYR A 514 -14.54 -6.70 -17.11
N VAL A 515 -15.72 -6.57 -16.52
CA VAL A 515 -16.42 -7.70 -15.89
C VAL A 515 -17.62 -8.02 -16.76
N GLY A 516 -17.55 -9.11 -17.50
CA GLY A 516 -18.59 -9.47 -18.43
C GLY A 516 -18.10 -10.46 -19.45
N ASP A 517 -19.04 -10.96 -20.24
CA ASP A 517 -18.74 -11.92 -21.28
C ASP A 517 -19.00 -11.31 -22.65
N GLY A 518 -18.53 -12.00 -23.69
CA GLY A 518 -18.75 -11.55 -25.03
C GLY A 518 -17.64 -10.66 -25.56
N GLU A 519 -17.69 -10.41 -26.86
CA GLU A 519 -16.71 -9.57 -27.52
C GLU A 519 -16.81 -8.16 -27.00
N LEU A 520 -15.76 -7.38 -27.28
CA LEU A 520 -15.67 -6.02 -26.85
C LEU A 520 -14.81 -5.29 -27.86
N PRO A 521 -15.22 -4.10 -28.29
CA PRO A 521 -14.42 -3.38 -29.29
C PRO A 521 -13.06 -2.93 -28.76
N VAL A 522 -12.15 -3.88 -28.59
CA VAL A 522 -10.80 -3.63 -28.08
C VAL A 522 -9.78 -4.20 -29.05
N LYS A 523 -8.74 -3.42 -29.33
CA LYS A 523 -7.64 -3.87 -30.17
C LYS A 523 -6.38 -3.91 -29.29
N THR A 524 -6.03 -5.10 -28.83
CA THR A 524 -4.86 -5.33 -27.98
C THR A 524 -3.71 -5.91 -28.77
N ASN A 525 -3.43 -5.33 -29.94
CA ASN A 525 -2.38 -5.82 -30.86
C ASN A 525 -1.08 -5.03 -30.70
N ASP A 526 -1.09 -3.70 -30.65
CA ASP A 526 0.08 -2.89 -30.33
C ASP A 526 0.26 -2.82 -28.81
N GLY A 527 1.20 -2.02 -28.35
CA GLY A 527 1.38 -1.97 -26.91
C GLY A 527 0.60 -0.89 -26.16
N LYS A 528 -0.49 -0.38 -26.74
CA LYS A 528 -1.18 0.76 -26.15
C LYS A 528 -2.32 0.38 -25.23
N VAL A 529 -2.89 -0.83 -25.37
CA VAL A 529 -4.03 -1.24 -24.56
C VAL A 529 -3.72 -2.59 -23.91
N PHE A 530 -4.05 -2.73 -22.63
CA PHE A 530 -4.10 -4.01 -21.93
C PHE A 530 -5.51 -4.27 -21.40
N LEU A 531 -6.05 -5.45 -21.70
CA LEU A 531 -7.40 -5.81 -21.28
C LEU A 531 -7.35 -6.86 -20.19
N VAL A 532 -8.03 -6.59 -19.08
CA VAL A 532 -8.35 -7.59 -18.07
C VAL A 532 -9.83 -7.93 -18.20
N GLN A 533 -10.15 -9.20 -18.46
CA GLN A 533 -11.55 -9.62 -18.53
C GLN A 533 -11.85 -10.61 -17.42
N ILE A 534 -12.93 -10.37 -16.69
CA ILE A 534 -13.45 -11.29 -15.69
C ILE A 534 -14.78 -11.82 -16.22
N CYS A 535 -14.83 -13.12 -16.51
CA CYS A 535 -15.98 -13.68 -17.20
C CYS A 535 -16.37 -15.00 -16.52
N THR A 536 -17.46 -15.57 -17.00
CA THR A 536 -18.03 -16.79 -16.46
C THR A 536 -17.70 -18.02 -17.29
N LYS A 537 -17.46 -17.86 -18.59
CA LYS A 537 -17.09 -18.96 -19.47
C LYS A 537 -15.62 -18.82 -19.84
N GLU A 538 -14.85 -19.88 -19.65
CA GLU A 538 -13.41 -19.83 -19.90
C GLU A 538 -13.13 -19.55 -21.37
N THR A 539 -11.88 -19.17 -21.67
CA THR A 539 -11.52 -18.86 -23.05
C THR A 539 -10.03 -19.06 -23.25
N GLU A 540 -9.68 -19.98 -24.15
CA GLU A 540 -8.30 -20.07 -24.64
C GLU A 540 -7.86 -18.72 -25.12
N ASP A 541 -6.80 -18.19 -24.51
CA ASP A 541 -6.28 -16.86 -24.78
C ASP A 541 -4.99 -16.98 -25.57
N LYS A 542 -4.98 -16.40 -26.78
CA LYS A 542 -3.74 -16.30 -27.54
C LYS A 542 -2.95 -15.05 -27.17
N CYS A 543 -3.58 -13.88 -27.22
CA CYS A 543 -2.85 -12.64 -27.06
C CYS A 543 -2.24 -12.53 -25.65
N VAL A 544 -1.06 -11.90 -25.59
CA VAL A 544 -0.34 -11.70 -24.33
C VAL A 544 -0.64 -10.34 -23.72
N ASN A 545 -1.32 -9.44 -24.42
CA ASN A 545 -1.87 -8.24 -23.80
C ASN A 545 -3.26 -8.47 -23.21
N ARG A 546 -3.55 -9.65 -22.68
CA ARG A 546 -4.88 -9.95 -22.16
C ARG A 546 -4.75 -10.89 -20.96
N LEU A 547 -5.69 -10.78 -20.04
CA LEU A 547 -5.75 -11.66 -18.88
C LEU A 547 -7.22 -12.00 -18.65
N THR A 548 -7.62 -13.21 -19.00
CA THR A 548 -9.01 -13.62 -18.92
C THR A 548 -9.20 -14.57 -17.74
N LEU A 549 -9.97 -14.13 -16.75
CA LEU A 549 -10.20 -14.88 -15.52
C LEU A 549 -11.64 -15.41 -15.53
N CYS A 550 -11.78 -16.73 -15.67
CA CYS A 550 -13.07 -17.39 -15.55
C CYS A 550 -13.12 -18.02 -14.18
N LEU A 551 -13.96 -17.46 -13.30
CA LEU A 551 -14.09 -17.96 -11.93
C LEU A 551 -15.38 -18.74 -11.81
N ARG A 552 -15.25 -20.05 -11.54
CA ARG A 552 -16.40 -20.90 -11.28
C ARG A 552 -17.24 -20.31 -10.14
N GLU A 553 -18.47 -19.92 -10.47
CA GLU A 553 -19.32 -19.18 -9.54
C GLU A 553 -19.63 -20.00 -8.30
N GLY A 554 -19.81 -19.31 -7.16
CA GLY A 554 -20.15 -19.98 -5.92
C GLY A 554 -19.70 -19.18 -4.72
N GLU A 555 -19.59 -19.89 -3.58
CA GLU A 555 -19.02 -19.30 -2.39
C GLU A 555 -17.51 -19.07 -2.54
N SER A 556 -16.89 -19.77 -3.48
CA SER A 556 -15.47 -19.62 -3.76
C SER A 556 -15.11 -18.27 -4.37
N LEU A 557 -16.11 -17.54 -4.90
CA LEU A 557 -15.84 -16.48 -5.87
C LEU A 557 -15.02 -15.35 -5.26
N THR A 558 -15.37 -14.95 -4.04
CA THR A 558 -14.72 -13.76 -3.48
C THR A 558 -13.28 -14.05 -3.09
N ALA A 559 -13.02 -15.19 -2.47
CA ALA A 559 -11.65 -15.49 -2.06
C ALA A 559 -10.73 -15.61 -3.27
N GLY A 560 -11.19 -16.30 -4.32
CA GLY A 560 -10.34 -16.49 -5.48
C GLY A 560 -10.14 -15.21 -6.28
N PHE A 561 -11.20 -14.42 -6.45
CA PHE A 561 -11.09 -13.18 -7.19
C PHE A 561 -9.97 -12.31 -6.62
N MET A 562 -9.83 -12.29 -5.30
CA MET A 562 -8.85 -11.39 -4.72
C MET A 562 -7.45 -11.98 -4.66
N GLN A 563 -7.31 -13.30 -4.75
CA GLN A 563 -5.99 -13.86 -5.05
C GLN A 563 -5.52 -13.38 -6.42
N ALA A 564 -6.40 -13.43 -7.41
CA ALA A 564 -6.05 -13.00 -8.77
C ALA A 564 -5.76 -11.51 -8.81
N LEU A 565 -6.48 -10.72 -8.01
CA LEU A 565 -6.25 -9.27 -8.00
C LEU A 565 -4.84 -8.94 -7.55
N LEU A 566 -4.43 -9.45 -6.38
CA LEU A 566 -3.10 -9.16 -5.85
C LEU A 566 -2.00 -9.97 -6.53
N GLY A 567 -2.35 -11.16 -7.05
CA GLY A 567 -1.35 -12.06 -7.61
C GLY A 567 -1.06 -11.85 -9.08
N LEU A 568 -2.08 -11.47 -9.84
CA LEU A 568 -1.99 -11.29 -11.29
C LEU A 568 -2.33 -9.87 -11.73
N ILE A 569 -3.51 -9.35 -11.36
CA ILE A 569 -3.98 -8.10 -11.95
C ILE A 569 -3.10 -6.93 -11.53
N LEU A 570 -2.87 -6.78 -10.24
CA LEU A 570 -2.01 -5.67 -9.82
C LEU A 570 -0.60 -5.76 -10.40
N PRO A 571 0.07 -6.92 -10.43
CA PRO A 571 1.45 -6.91 -10.94
C PRO A 571 1.53 -6.59 -12.42
N VAL A 572 0.59 -7.07 -13.22
CA VAL A 572 0.60 -6.70 -14.63
C VAL A 572 0.32 -5.21 -14.79
N ALA A 573 -0.78 -4.74 -14.19
CA ALA A 573 -1.13 -3.32 -14.24
C ALA A 573 0.05 -2.44 -13.87
N TYR A 574 0.76 -2.79 -12.79
CA TYR A 574 1.85 -1.94 -12.36
C TYR A 574 2.98 -1.90 -13.38
N GLU A 575 3.27 -3.04 -14.03
CA GLU A 575 4.34 -3.02 -15.02
C GLU A 575 3.90 -2.26 -16.27
N PHE A 576 2.64 -2.42 -16.64
CA PHE A 576 2.08 -1.76 -17.82
C PHE A 576 2.19 -0.24 -17.72
N ASN A 577 2.06 0.30 -16.51
CA ASN A 577 2.06 1.74 -16.23
C ASN A 577 1.08 2.47 -17.14
N PRO A 578 -0.23 2.30 -16.95
CA PRO A 578 -1.21 2.96 -17.83
C PRO A 578 -1.28 4.46 -17.61
N ALA A 579 -1.78 5.16 -18.63
CA ALA A 579 -2.14 6.57 -18.49
C ALA A 579 -3.58 6.77 -18.05
N LEU A 580 -4.43 5.75 -18.16
CA LEU A 580 -5.84 5.86 -17.86
C LEU A 580 -6.39 4.46 -17.66
N VAL A 581 -7.20 4.27 -16.62
CA VAL A 581 -7.90 3.01 -16.40
C VAL A 581 -9.35 3.17 -16.81
N LEU A 582 -9.87 2.17 -17.51
CA LEU A 582 -11.26 2.13 -17.97
C LEU A 582 -11.89 0.88 -17.37
N GLY A 583 -12.74 1.06 -16.36
CA GLY A 583 -13.51 -0.04 -15.82
C GLY A 583 -14.83 -0.15 -16.54
N ILE A 584 -15.30 -1.39 -16.73
CA ILE A 584 -16.55 -1.66 -17.43
C ILE A 584 -17.25 -2.81 -16.73
N VAL A 585 -18.57 -2.69 -16.57
CA VAL A 585 -19.39 -3.76 -16.00
C VAL A 585 -20.63 -3.95 -16.87
N GLU A 586 -20.81 -5.15 -17.42
CA GLU A 586 -22.06 -5.46 -18.10
C GLU A 586 -23.16 -5.75 -17.07
N GLU A 587 -24.41 -5.67 -17.53
CA GLU A 587 -25.57 -5.61 -16.63
C GLU A 587 -25.85 -6.94 -15.93
N THR A 588 -25.48 -8.08 -16.53
CA THR A 588 -25.75 -9.39 -15.92
C THR A 588 -24.58 -9.82 -15.05
N ALA A 589 -24.41 -9.13 -13.92
CA ALA A 589 -23.31 -9.38 -13.00
C ALA A 589 -23.78 -10.02 -11.68
N LEU A 594 -20.03 -11.55 -6.13
CA LEU A 594 -20.38 -10.66 -7.23
C LEU A 594 -19.89 -9.23 -6.94
N MET A 595 -20.77 -8.43 -6.35
CA MET A 595 -20.51 -7.02 -6.08
C MET A 595 -19.51 -6.79 -4.94
N ARG A 596 -19.39 -7.73 -3.99
CA ARG A 596 -18.66 -7.48 -2.75
C ARG A 596 -17.15 -7.32 -2.93
N VAL A 597 -16.62 -7.45 -4.15
CA VAL A 597 -15.19 -7.25 -4.39
C VAL A 597 -14.88 -5.90 -5.03
N TRP A 598 -15.87 -5.23 -5.65
CA TRP A 598 -15.58 -4.10 -6.53
C TRP A 598 -14.95 -2.92 -5.79
N GLY A 599 -15.16 -2.80 -4.48
CA GLY A 599 -14.60 -1.67 -3.76
C GLY A 599 -13.10 -1.79 -3.59
N HIS A 600 -12.64 -2.97 -3.18
CA HIS A 600 -11.21 -3.23 -3.12
C HIS A 600 -10.57 -3.07 -4.50
N MET A 601 -11.16 -3.72 -5.51
CA MET A 601 -10.74 -3.53 -6.89
C MET A 601 -10.55 -2.05 -7.21
N THR A 602 -11.59 -1.25 -6.99
CA THR A 602 -11.53 0.16 -7.38
C THR A 602 -10.48 0.91 -6.57
N CYS A 603 -10.41 0.64 -5.27
CA CYS A 603 -9.43 1.33 -4.44
C CYS A 603 -8.00 1.03 -4.87
N LEU A 604 -7.68 -0.25 -5.07
CA LEU A 604 -6.30 -0.62 -5.39
C LEU A 604 -5.90 -0.16 -6.81
N ILE A 605 -6.76 -0.35 -7.79
CA ILE A 605 -6.43 -0.01 -9.16
C ILE A 605 -6.20 1.48 -9.35
N GLN A 606 -6.51 2.29 -8.35
CA GLN A 606 -6.18 3.71 -8.39
C GLN A 606 -4.72 4.01 -8.11
N GLY A 607 -3.91 2.99 -7.83
CA GLY A 607 -2.48 3.18 -7.77
C GLY A 607 -1.86 3.36 -9.14
N LEU A 608 -2.55 2.92 -10.17
CA LEU A 608 -2.13 3.17 -11.54
C LEU A 608 -2.69 4.52 -12.00
N ALA A 609 -2.02 5.09 -13.01
CA ALA A 609 -2.57 6.19 -13.80
C ALA A 609 -2.86 7.43 -12.98
N ARG A 610 -2.06 7.71 -11.96
CA ARG A 610 -2.29 8.84 -11.05
C ARG A 610 -3.73 8.87 -10.55
N GLY A 611 -4.40 7.71 -10.56
CA GLY A 611 -5.77 7.64 -10.11
C GLY A 611 -6.81 7.99 -11.14
N ARG A 612 -6.42 8.24 -12.39
CA ARG A 612 -7.39 8.59 -13.44
C ARG A 612 -8.06 7.32 -13.91
N MET A 613 -9.26 7.05 -13.41
CA MET A 613 -10.05 5.89 -13.84
C MET A 613 -11.47 6.35 -14.19
N LEU A 614 -11.96 5.93 -15.35
CA LEU A 614 -13.35 6.15 -15.74
C LEU A 614 -14.08 4.82 -15.71
N THR A 615 -15.23 4.78 -15.05
CA THR A 615 -15.96 3.53 -14.88
C THR A 615 -17.31 3.60 -15.59
N LEU A 616 -17.52 2.70 -16.55
CA LEU A 616 -18.79 2.60 -17.28
C LEU A 616 -19.59 1.42 -16.75
N LEU A 617 -20.63 1.71 -15.98
CA LEU A 617 -21.56 0.68 -15.54
C LEU A 617 -22.76 0.64 -16.48
N GLN A 618 -23.07 -0.56 -16.99
CA GLN A 618 -24.18 -0.73 -17.92
C GLN A 618 -25.45 -0.99 -17.14
N GLY A 619 -26.40 -0.06 -17.21
CA GLY A 619 -27.64 -0.15 -16.44
C GLY A 619 -27.50 0.46 -15.06
N TYR A 620 -28.63 0.95 -14.54
CA TYR A 620 -28.61 1.61 -13.23
C TYR A 620 -28.69 0.57 -12.11
N ASP A 621 -27.86 0.76 -11.10
CA ASP A 621 -27.89 -0.03 -9.87
C ASP A 621 -27.54 0.94 -8.76
N LYS A 622 -28.49 1.22 -7.88
CA LYS A 622 -28.23 2.17 -6.79
C LYS A 622 -27.01 1.72 -5.98
N ASP A 623 -26.97 0.43 -5.61
CA ASP A 623 -25.91 -0.04 -4.71
C ASP A 623 -24.54 0.00 -5.40
N LEU A 624 -24.45 -0.56 -6.61
CA LEU A 624 -23.16 -0.63 -7.30
C LEU A 624 -22.66 0.77 -7.61
N LEU A 625 -23.52 1.64 -8.15
CA LEU A 625 -23.13 3.02 -8.38
C LEU A 625 -22.70 3.68 -7.08
N GLU A 626 -23.37 3.35 -5.98
CA GLU A 626 -22.96 3.94 -4.71
C GLU A 626 -21.58 3.43 -4.29
N LEU A 627 -21.33 2.14 -4.49
CA LEU A 627 -20.04 1.54 -4.11
C LEU A 627 -18.92 2.05 -4.99
N THR A 628 -19.14 2.10 -6.31
CA THR A 628 -18.13 2.62 -7.23
C THR A 628 -17.75 4.06 -6.90
N VAL A 629 -18.73 4.95 -6.75
CA VAL A 629 -18.46 6.34 -6.40
C VAL A 629 -17.74 6.43 -5.05
N SER A 630 -18.20 5.65 -4.07
CA SER A 630 -17.60 5.72 -2.75
C SER A 630 -16.11 5.39 -2.81
N ALA A 631 -15.75 4.28 -3.48
CA ALA A 631 -14.35 3.91 -3.58
C ALA A 631 -13.55 4.94 -4.38
N LEU A 632 -14.08 5.36 -5.53
CA LEU A 632 -13.39 6.35 -6.36
C LEU A 632 -13.04 7.62 -5.57
N SER A 633 -13.89 8.01 -4.63
CA SER A 633 -13.74 9.31 -3.99
C SER A 633 -12.74 9.30 -2.84
N GLY A 634 -12.19 8.14 -2.50
CA GLY A 634 -11.25 8.06 -1.40
C GLY A 634 -11.82 7.56 -0.11
N ALA A 635 -13.08 7.14 -0.10
CA ALA A 635 -13.73 6.66 1.12
C ALA A 635 -13.06 5.39 1.63
N SER A 636 -13.26 5.11 2.92
CA SER A 636 -12.77 3.85 3.46
C SER A 636 -13.64 2.70 2.95
N ILE A 637 -13.08 1.49 2.95
CA ILE A 637 -13.68 0.32 2.33
C ILE A 637 -14.10 -0.67 3.42
N SER A 638 -15.27 -1.29 3.26
CA SER A 638 -15.73 -2.27 4.23
C SER A 638 -14.93 -3.56 4.08
N PRO A 639 -14.36 -4.11 5.15
CA PRO A 639 -13.49 -5.30 5.01
C PRO A 639 -14.27 -6.55 4.64
N LEU A 640 -13.58 -7.69 4.47
CA LEU A 640 -14.25 -8.95 4.16
C LEU A 640 -14.11 -10.04 5.23
N GLY A 641 -13.10 -9.96 6.09
CA GLY A 641 -12.92 -10.93 7.16
C GLY A 641 -12.58 -12.33 6.69
N PRO A 642 -13.60 -13.18 6.59
CA PRO A 642 -13.43 -14.52 5.99
C PRO A 642 -13.62 -14.51 4.47
N ARG A 644 -13.04 -17.22 3.17
CA ARG A 644 -12.83 -18.62 2.79
C ARG A 644 -11.43 -18.88 2.19
N ALA A 645 -11.37 -19.94 1.37
CA ALA A 645 -10.22 -20.36 0.56
C ALA A 645 -10.78 -20.83 -0.77
N PRO A 646 -10.06 -20.64 -1.87
CA PRO A 646 -10.64 -20.80 -3.20
C PRO A 646 -10.45 -22.20 -3.78
N LYS A 647 -11.29 -22.49 -4.78
CA LYS A 647 -11.32 -23.80 -5.40
C LYS A 647 -10.04 -24.06 -6.20
N PRO A 648 -9.52 -25.29 -6.18
CA PRO A 648 -8.30 -25.58 -6.96
C PRO A 648 -8.45 -25.36 -8.46
N GLU A 649 -9.60 -25.67 -9.05
CA GLU A 649 -9.81 -25.34 -10.45
C GLU A 649 -9.58 -23.85 -10.70
N ASP A 650 -9.81 -23.02 -9.69
CA ASP A 650 -9.57 -21.58 -9.82
C ASP A 650 -8.09 -21.25 -9.62
N VAL A 651 -7.45 -21.82 -8.60
CA VAL A 651 -6.04 -21.51 -8.40
C VAL A 651 -5.19 -22.09 -9.53
N GLU A 652 -5.58 -23.25 -10.07
CA GLU A 652 -4.85 -23.80 -11.22
C GLU A 652 -5.08 -22.93 -12.45
N MET A 653 -6.30 -22.40 -12.61
CA MET A 653 -6.58 -21.47 -13.71
C MET A 653 -5.70 -20.24 -13.61
N MET A 654 -5.43 -19.79 -12.40
CA MET A 654 -4.63 -18.59 -12.26
C MET A 654 -3.15 -18.86 -12.49
N GLU A 655 -2.67 -20.04 -12.13
CA GLU A 655 -1.25 -20.31 -12.35
C GLU A 655 -0.96 -20.62 -13.81
N LYS A 656 -1.95 -21.15 -14.54
CA LYS A 656 -1.81 -21.20 -15.99
C LYS A 656 -1.64 -19.78 -16.56
N GLN A 657 -2.34 -18.82 -15.97
CA GLN A 657 -2.20 -17.44 -16.44
C GLN A 657 -0.84 -16.84 -16.10
N ARG A 658 -0.35 -17.07 -14.88
CA ARG A 658 1.00 -16.61 -14.56
C ARG A 658 2.03 -17.30 -15.47
N GLN A 659 1.91 -18.62 -15.66
CA GLN A 659 2.83 -19.31 -16.55
CA GLN A 659 2.82 -19.32 -16.55
C GLN A 659 2.78 -18.71 -17.95
N ARG A 660 1.58 -18.41 -18.45
CA ARG A 660 1.44 -17.89 -19.80
C ARG A 660 1.93 -16.45 -19.97
N LEU A 661 2.09 -15.70 -18.87
CA LEU A 661 2.34 -14.26 -18.98
C LEU A 661 3.61 -13.77 -18.28
N GLN A 662 4.25 -14.58 -17.43
CA GLN A 662 5.33 -14.02 -16.63
C GLN A 662 6.61 -13.76 -17.42
N GLU A 663 6.72 -14.23 -18.66
CA GLU A 663 7.91 -13.88 -19.42
C GLU A 663 7.78 -12.53 -20.09
N ARG A 664 6.56 -12.18 -20.52
CA ARG A 664 6.32 -10.81 -20.97
C ARG A 664 6.31 -9.86 -19.78
N TRP A 665 5.61 -10.23 -18.71
CA TRP A 665 5.42 -9.34 -17.54
C TRP A 665 6.17 -9.90 -16.32
N GLY A 666 7.43 -9.47 -16.17
CA GLY A 666 8.30 -10.05 -15.16
C GLY A 666 7.81 -9.91 -13.74
N LEU A 667 7.15 -8.79 -13.41
CA LEU A 667 6.59 -8.57 -12.08
C LEU A 667 5.63 -9.68 -11.64
N LEU A 668 5.15 -10.53 -12.56
CA LEU A 668 4.32 -11.68 -12.19
C LEU A 668 5.14 -12.80 -11.56
N ARG A 669 6.46 -12.81 -11.76
CA ARG A 669 7.30 -13.92 -11.32
CA ARG A 669 7.27 -13.93 -11.31
C ARG A 669 7.38 -13.94 -9.79
N CYS A 670 7.26 -15.13 -9.23
CA CYS A 670 7.54 -15.29 -7.81
C CYS A 670 8.34 -16.55 -7.55
N THR A 671 9.17 -16.93 -8.51
CA THR A 671 10.16 -18.00 -8.46
C THR A 671 11.34 -17.51 -9.27
N VAL A 672 12.46 -18.17 -9.10
CA VAL A 672 13.58 -17.86 -9.98
C VAL A 672 13.32 -18.50 -11.32
N SER A 673 13.67 -17.77 -12.38
CA SER A 673 13.58 -18.29 -13.73
C SER A 673 14.39 -19.59 -13.87
N GLU A 674 13.86 -20.51 -14.68
CA GLU A 674 14.64 -21.67 -15.08
C GLU A 674 15.65 -21.24 -16.16
N SER A 675 16.92 -21.55 -15.93
CA SER A 675 17.95 -21.26 -16.92
C SER A 675 18.09 -22.45 -17.87
N TRP A 676 18.43 -22.14 -19.12
CA TRP A 676 18.60 -23.15 -20.15
C TRP A 676 19.72 -24.10 -19.78
C10 TWP B . 25.18 1.77 14.91
C13 TWP B . 26.34 -0.20 15.05
C15 TWP B . 27.90 -1.88 15.78
C17 TWP B . 27.88 0.23 16.90
C03 TWP B . 18.54 1.55 12.27
C04 TWP B . 20.07 1.17 12.60
C05 TWP B . 20.50 0.31 13.63
C06 TWP B . 21.85 -0.05 13.82
C07 TWP B . 22.92 0.42 13.01
C08 TWP B . 24.49 0.00 13.21
C11 TWP B . 26.06 1.92 15.92
C12 TWP B . 26.85 0.73 16.09
C14 TWP B . 26.89 -1.47 14.95
C16 TWP B . 28.42 -1.02 16.79
C18 TWP B . 22.48 1.27 11.98
C19 TWP B . 21.14 1.63 11.77
N02 TWP B . 17.47 0.58 12.66
N09 TWP B . 25.26 0.49 14.31
O01 TWP B . 16.13 0.67 12.46
O20 TWP B . 18.24 2.51 11.64
C1 EDO C . 30.92 3.86 22.59
O1 EDO C . 30.08 2.74 22.94
C2 EDO C . 32.24 3.42 21.95
O2 EDO C . 32.71 4.45 21.06
ZN ZN D . 16.62 0.78 10.10
P PO4 E . 19.45 -17.38 3.08
O1 PO4 E . 19.37 -17.96 1.67
O2 PO4 E . 18.26 -16.47 3.27
O3 PO4 E . 20.80 -16.69 3.27
O4 PO4 E . 19.37 -18.48 4.08
P PO4 F . 8.47 9.37 40.04
O1 PO4 F . 7.20 9.47 39.21
O2 PO4 F . 9.24 10.66 39.98
O3 PO4 F . 9.38 8.30 39.49
O4 PO4 F . 8.11 9.07 41.48
P PO4 G . 3.66 18.62 -3.48
O1 PO4 G . 4.40 19.88 -3.90
O2 PO4 G . 2.78 18.98 -2.28
O3 PO4 G . 2.77 18.12 -4.58
O4 PO4 G . 4.67 17.54 -3.12
K K H . 12.26 -4.22 8.39
K K I . 3.49 -12.91 15.72
#